data_2DY1
#
_entry.id   2DY1
#
_cell.length_a   159.194
_cell.length_b   56.129
_cell.length_c   92.189
_cell.angle_alpha   90.00
_cell.angle_beta   104.568
_cell.angle_gamma   90.00
#
_symmetry.space_group_name_H-M   'C 1 2 1'
#
loop_
_entity.id
_entity.type
_entity.pdbx_description
1 polymer 'Elongation factor G'
2 non-polymer 'MAGNESIUM ION'
3 non-polymer "GUANOSINE-5'-TRIPHOSPHATE"
4 water water
#
_entity_poly.entity_id   1
_entity_poly.type   'polypeptide(L)'
_entity_poly.pdbx_seq_one_letter_code
;MGTEGGAMIRTVALVGHAGSGKTTLTEALLYKTGAKERRGRVEEGTTTTDYTPEAKLHRTTVRTGVAPLLFRGHRVFLLD
APGYGDFVGEIRGALEAADAALVAVSAEAGVQVGTERAWTVAERLGLPRMVVVTKLDKGGDYYALLEDLRSTLGPILPID
LPLYEGGKWVGLIDVFHGKAYRYENGEEREAEVPPEERERVQRFRQEVLEAIVETDEGLLEKYLEGEEVTGEALEKAFHE
AVRRGLLYPVALASGEREIGVLPLLELILEALPSPTERFGDGPPLAKVFKVQVDPFMGQVAYLRLYRGRLKPGDSLQSEA
GQVRLPHLYVPMGKDLLEVEEAEAGFVLGVPKAEGLHRGMVLWQGEKPESEEVPFARLPDPNVPVALHPKGRTDEARLGE
ALRKLLEEDPSLKLERQEETGELLLWGHGELHLATAKERLQDYGVEVEFSVPKVPYRETIKKVAEGQGKYKKQTGGHGQY
GDVWLRLEPASEYGFEWRITGGVIPSKYQEAIEEGIKEAAKKGVLAGFPVMGFKAIVYNGSYHEVDSSDLAFQIAASLAF
KKVMAEAHPVLLEPIYRLKVLAPQERVGDVLSDLQARRGRILGMEQEGALSVVHAEVPLAEVLEYYKALPGLTGGAGAYT
LEFSHYAEVPPHLAQRIVQERAQEG
;
_entity_poly.pdbx_strand_id   A
#
loop_
_chem_comp.id
_chem_comp.type
_chem_comp.name
_chem_comp.formula
GTP non-polymer GUANOSINE-5'-TRIPHOSPHATE 'C10 H16 N5 O14 P3'
MG non-polymer 'MAGNESIUM ION' 'Mg 2'
#
# COMPACT_ATOMS: atom_id res chain seq x y z
N GLY A 6 17.54 24.13 21.90
CA GLY A 6 17.09 23.43 23.14
C GLY A 6 15.62 23.09 23.10
N ALA A 7 15.27 21.87 23.53
CA ALA A 7 13.88 21.43 23.54
C ALA A 7 13.32 21.27 22.12
N MET A 8 14.21 21.08 21.15
CA MET A 8 13.78 20.93 19.76
C MET A 8 13.21 19.53 19.58
N ILE A 9 12.22 19.43 18.71
CA ILE A 9 11.59 18.13 18.44
C ILE A 9 11.51 17.96 16.92
N ARG A 10 11.72 16.74 16.44
CA ARG A 10 11.60 16.42 15.02
C ARG A 10 10.82 15.11 14.90
N THR A 11 10.02 14.98 13.85
CA THR A 11 9.31 13.73 13.57
C THR A 11 9.84 13.34 12.19
N VAL A 12 10.40 12.14 12.09
CA VAL A 12 11.05 11.72 10.85
C VAL A 12 10.70 10.29 10.49
N ALA A 13 10.34 10.06 9.21
CA ALA A 13 10.05 8.68 8.76
C ALA A 13 11.31 8.16 8.08
N LEU A 14 11.75 6.98 8.49
CA LEU A 14 12.96 6.35 7.93
C LEU A 14 12.42 5.32 6.92
N VAL A 15 12.70 5.56 5.65
CA VAL A 15 12.19 4.73 4.57
C VAL A 15 13.31 4.34 3.65
N GLY A 16 13.02 3.42 2.73
CA GLY A 16 14.06 2.98 1.80
C GLY A 16 13.80 1.56 1.36
N HIS A 17 14.51 1.11 0.34
CA HIS A 17 14.33 -0.24 -0.16
C HIS A 17 14.58 -1.28 0.91
N ALA A 18 13.92 -2.42 0.74
CA ALA A 18 14.08 -3.52 1.68
C ALA A 18 15.56 -3.86 1.87
N GLY A 19 15.98 -4.00 3.12
CA GLY A 19 17.34 -4.37 3.45
C GLY A 19 18.39 -3.27 3.37
N SER A 20 17.95 -2.03 3.24
CA SER A 20 18.88 -0.90 3.16
C SER A 20 19.49 -0.50 4.52
N GLY A 21 19.14 -1.20 5.59
CA GLY A 21 19.74 -0.94 6.89
C GLY A 21 19.00 -0.06 7.86
N LYS A 22 17.71 0.16 7.60
CA LYS A 22 16.87 1.02 8.43
C LYS A 22 16.73 0.58 9.88
N THR A 23 16.32 -0.67 10.09
CA THR A 23 16.14 -1.12 11.45
C THR A 23 17.45 -1.22 12.19
N THR A 24 18.51 -1.57 11.48
CA THR A 24 19.83 -1.67 12.12
C THR A 24 20.30 -0.27 12.56
N LEU A 25 20.00 0.74 11.75
CA LEU A 25 20.37 2.10 12.10
C LEU A 25 19.53 2.54 13.31
N THR A 26 18.26 2.18 13.28
CA THR A 26 17.34 2.54 14.38
C THR A 26 17.84 1.94 15.68
N GLU A 27 18.22 0.65 15.64
CA GLU A 27 18.77 -0.02 16.81
C GLU A 27 20.01 0.70 17.33
N ALA A 28 20.90 1.10 16.42
CA ALA A 28 22.12 1.79 16.80
C ALA A 28 21.81 3.13 17.47
N LEU A 29 20.82 3.85 16.95
CA LEU A 29 20.41 5.12 17.54
C LEU A 29 19.81 4.90 18.94
N LEU A 30 19.01 3.85 19.10
CA LEU A 30 18.43 3.57 20.42
C LEU A 30 19.54 3.21 21.43
N TYR A 31 20.49 2.42 20.98
CA TYR A 31 21.60 2.03 21.85
C TYR A 31 22.52 3.21 22.18
N LYS A 32 22.93 3.97 21.16
CA LYS A 32 23.86 5.06 21.40
C LYS A 32 23.31 6.20 22.23
N THR A 33 21.99 6.41 22.19
CA THR A 33 21.36 7.46 23.01
C THR A 33 21.02 6.95 24.40
N GLY A 34 21.20 5.64 24.63
CA GLY A 34 20.93 5.08 25.94
C GLY A 34 19.51 4.63 26.19
N ALA A 35 18.69 4.56 25.14
CA ALA A 35 17.29 4.13 25.28
C ALA A 35 17.18 2.64 25.60
N LYS A 36 18.23 1.88 25.29
CA LYS A 36 18.23 0.45 25.59
C LYS A 36 19.67 -0.02 25.85
N GLU A 37 19.82 -1.04 26.71
CA GLU A 37 21.14 -1.58 27.09
C GLU A 37 22.07 -2.04 25.98
N ARG A 38 21.53 -2.79 25.04
CA ARG A 38 22.36 -3.33 23.97
C ARG A 38 21.73 -3.16 22.62
N ARG A 39 22.55 -3.09 21.59
CA ARG A 39 22.03 -2.99 20.25
C ARG A 39 21.57 -4.39 19.88
N GLY A 40 20.29 -4.54 19.57
CA GLY A 40 19.78 -5.82 19.15
C GLY A 40 20.17 -6.02 17.70
N ARG A 41 19.81 -7.16 17.12
CA ARG A 41 20.15 -7.51 15.76
C ARG A 41 18.98 -8.14 15.03
N VAL A 42 18.76 -7.73 13.80
CA VAL A 42 17.66 -8.26 13.00
C VAL A 42 17.81 -9.79 12.85
N GLU A 43 19.04 -10.23 12.58
CA GLU A 43 19.30 -11.66 12.40
C GLU A 43 19.07 -12.50 13.67
N GLU A 44 18.92 -11.85 14.83
CA GLU A 44 18.66 -12.57 16.08
C GLU A 44 17.27 -12.29 16.65
N GLY A 45 16.48 -11.48 15.93
CA GLY A 45 15.14 -11.15 16.37
C GLY A 45 15.07 -10.29 17.62
N THR A 46 16.14 -9.56 17.89
CA THR A 46 16.21 -8.75 19.10
C THR A 46 16.10 -7.23 18.95
N THR A 47 15.54 -6.78 17.83
CA THR A 47 15.39 -5.34 17.63
C THR A 47 14.08 -4.84 18.21
N THR A 48 14.06 -3.55 18.53
CA THR A 48 12.86 -2.92 19.05
C THR A 48 11.75 -2.84 18.00
N THR A 49 12.10 -2.48 16.75
CA THR A 49 11.08 -2.39 15.70
C THR A 49 10.43 -3.68 15.31
N ASP A 50 11.26 -4.67 14.98
CA ASP A 50 10.74 -5.92 14.53
C ASP A 50 10.41 -6.86 15.69
N TYR A 51 9.17 -6.76 16.19
CA TYR A 51 8.75 -7.58 17.31
C TYR A 51 7.57 -8.51 17.03
N THR A 52 6.76 -8.25 15.99
CA THR A 52 5.66 -9.17 15.73
C THR A 52 6.21 -10.47 15.14
N PRO A 53 5.47 -11.58 15.26
CA PRO A 53 5.95 -12.84 14.71
C PRO A 53 6.26 -12.76 13.22
N GLU A 54 5.46 -11.98 12.50
CA GLU A 54 5.62 -11.87 11.06
C GLU A 54 6.91 -11.15 10.72
N ALA A 55 7.19 -10.06 11.44
CA ALA A 55 8.43 -9.30 11.19
C ALA A 55 9.67 -10.14 11.44
N LYS A 56 9.65 -10.91 12.51
CA LYS A 56 10.80 -11.74 12.84
C LYS A 56 10.94 -12.92 11.90
N LEU A 57 9.85 -13.62 11.62
CA LEU A 57 9.92 -14.78 10.74
C LEU A 57 10.45 -14.40 9.36
N HIS A 58 9.95 -13.31 8.81
CA HIS A 58 10.36 -12.90 7.48
C HIS A 58 11.58 -11.98 7.46
N ARG A 59 12.11 -11.68 8.65
CA ARG A 59 13.29 -10.83 8.80
C ARG A 59 13.16 -9.54 7.99
N THR A 60 12.01 -8.89 8.13
CA THR A 60 11.75 -7.64 7.42
C THR A 60 10.76 -6.85 8.26
N THR A 61 10.80 -5.53 8.16
CA THR A 61 9.87 -4.72 8.92
C THR A 61 8.49 -4.75 8.26
N VAL A 62 7.59 -5.49 8.90
CA VAL A 62 6.22 -5.64 8.41
C VAL A 62 5.37 -4.49 8.95
N ARG A 63 5.72 -4.04 10.16
CA ARG A 63 5.00 -2.98 10.84
C ARG A 63 5.94 -1.90 11.31
N THR A 64 5.58 -0.65 11.02
CA THR A 64 6.38 0.48 11.47
C THR A 64 6.57 0.47 12.98
N GLY A 65 7.82 0.71 13.41
CA GLY A 65 8.13 0.78 14.83
C GLY A 65 8.55 2.21 15.18
N VAL A 66 8.11 2.69 16.33
CA VAL A 66 8.48 4.02 16.78
C VAL A 66 9.71 3.96 17.68
N ALA A 67 10.68 4.82 17.40
CA ALA A 67 11.87 4.94 18.22
C ALA A 67 11.90 6.40 18.69
N PRO A 68 11.48 6.64 19.93
CA PRO A 68 11.44 8.00 20.50
C PRO A 68 12.79 8.39 21.06
N LEU A 69 13.65 8.95 20.20
CA LEU A 69 15.00 9.28 20.62
C LEU A 69 15.12 10.56 21.41
N LEU A 70 15.94 10.49 22.46
CA LEU A 70 16.21 11.64 23.32
C LEU A 70 17.71 11.87 23.24
N PHE A 71 18.12 13.10 22.95
CA PHE A 71 19.54 13.37 22.84
C PHE A 71 19.78 14.82 23.24
N ARG A 72 20.55 15.00 24.31
CA ARG A 72 20.86 16.32 24.82
C ARG A 72 19.64 17.20 24.95
N GLY A 73 18.55 16.63 25.46
CA GLY A 73 17.34 17.40 25.66
C GLY A 73 16.44 17.55 24.44
N HIS A 74 16.94 17.14 23.27
CA HIS A 74 16.17 17.22 22.03
C HIS A 74 15.51 15.86 21.79
N ARG A 75 14.41 15.85 21.05
CA ARG A 75 13.70 14.62 20.78
C ARG A 75 13.49 14.41 19.29
N VAL A 76 13.77 13.20 18.82
CA VAL A 76 13.51 12.89 17.44
C VAL A 76 12.63 11.66 17.48
N PHE A 77 11.38 11.81 17.00
CA PHE A 77 10.49 10.65 16.96
C PHE A 77 10.74 10.05 15.59
N LEU A 78 11.46 8.93 15.59
CA LEU A 78 11.85 8.25 14.34
C LEU A 78 10.91 7.10 14.06
N LEU A 79 10.33 7.08 12.87
CA LEU A 79 9.41 5.99 12.51
C LEU A 79 10.17 5.06 11.56
N ASP A 80 10.49 3.86 12.05
CA ASP A 80 11.27 2.87 11.27
C ASP A 80 10.24 2.09 10.45
N ALA A 81 10.16 2.43 9.18
CA ALA A 81 9.13 1.90 8.29
C ALA A 81 9.55 0.71 7.47
N PRO A 82 8.56 0.00 6.88
CA PRO A 82 8.86 -1.16 6.03
C PRO A 82 9.62 -0.73 4.79
N GLY A 83 10.16 -1.73 4.11
CA GLY A 83 10.87 -1.49 2.88
C GLY A 83 10.08 -2.07 1.70
N TYR A 84 9.44 -3.22 1.89
CA TYR A 84 8.73 -3.85 0.79
C TYR A 84 7.41 -3.19 0.42
N GLY A 85 7.12 -3.15 -0.88
CA GLY A 85 5.88 -2.55 -1.35
C GLY A 85 4.64 -3.26 -0.85
N ASP A 86 4.82 -4.50 -0.41
CA ASP A 86 3.73 -5.26 0.17
C ASP A 86 3.12 -4.49 1.34
N PHE A 87 3.97 -3.71 2.00
CA PHE A 87 3.57 -2.97 3.18
C PHE A 87 3.38 -1.48 2.94
N VAL A 88 2.93 -1.15 1.74
CA VAL A 88 2.64 0.24 1.35
C VAL A 88 1.76 0.94 2.39
N GLY A 89 0.83 0.22 3.00
CA GLY A 89 -0.03 0.85 4.00
C GLY A 89 0.77 1.51 5.12
N GLU A 90 1.69 0.75 5.68
CA GLU A 90 2.52 1.24 6.76
C GLU A 90 3.52 2.28 6.30
N ILE A 91 4.09 2.08 5.11
CA ILE A 91 5.04 3.03 4.58
C ILE A 91 4.38 4.39 4.38
N ARG A 92 3.24 4.41 3.71
CA ARG A 92 2.58 5.70 3.46
C ARG A 92 2.08 6.32 4.77
N GLY A 93 1.64 5.48 5.70
CA GLY A 93 1.20 5.98 6.99
C GLY A 93 2.35 6.64 7.75
N ALA A 94 3.54 6.06 7.70
CA ALA A 94 4.70 6.62 8.39
C ALA A 94 5.08 7.97 7.80
N LEU A 95 5.03 8.07 6.47
CA LEU A 95 5.36 9.33 5.81
C LEU A 95 4.31 10.39 6.15
N GLU A 96 3.04 9.99 6.17
CA GLU A 96 1.95 10.91 6.53
C GLU A 96 2.17 11.51 7.91
N ALA A 97 2.67 10.67 8.82
CA ALA A 97 2.92 11.04 10.20
C ALA A 97 4.12 11.88 10.48
N ALA A 98 5.05 11.97 9.52
CA ALA A 98 6.30 12.70 9.77
C ALA A 98 6.37 14.03 9.06
N ASP A 99 7.35 14.84 9.43
CA ASP A 99 7.55 16.12 8.80
C ASP A 99 8.74 16.10 7.84
N ALA A 100 9.41 14.96 7.73
CA ALA A 100 10.56 14.81 6.83
C ALA A 100 10.82 13.33 6.65
N ALA A 101 11.48 12.99 5.55
CA ALA A 101 11.82 11.59 5.27
C ALA A 101 13.33 11.40 5.27
N LEU A 102 13.80 10.39 5.99
CA LEU A 102 15.22 10.03 6.01
C LEU A 102 15.22 8.78 5.14
N VAL A 103 15.90 8.84 4.01
CA VAL A 103 15.88 7.76 3.04
C VAL A 103 17.19 6.99 3.05
N ALA A 104 17.13 5.73 3.51
CA ALA A 104 18.32 4.89 3.56
C ALA A 104 18.60 4.34 2.17
N VAL A 105 19.87 4.39 1.78
CA VAL A 105 20.31 3.90 0.49
C VAL A 105 21.56 3.06 0.70
N SER A 106 21.52 1.79 0.29
CA SER A 106 22.69 0.92 0.43
C SER A 106 23.74 1.34 -0.60
N ALA A 107 24.99 1.48 -0.16
CA ALA A 107 26.07 1.88 -1.06
C ALA A 107 26.30 0.81 -2.13
N GLU A 108 25.87 -0.42 -1.85
CA GLU A 108 26.04 -1.52 -2.80
C GLU A 108 25.08 -1.41 -3.96
N ALA A 109 23.83 -1.10 -3.64
CA ALA A 109 22.77 -1.06 -4.63
C ALA A 109 22.36 0.29 -5.21
N GLY A 110 22.57 1.36 -4.47
CA GLY A 110 22.17 2.66 -4.99
C GLY A 110 20.66 2.80 -4.89
N VAL A 111 20.10 3.73 -5.64
CA VAL A 111 18.64 3.93 -5.64
C VAL A 111 17.95 2.72 -6.27
N GLN A 112 17.04 2.11 -5.51
CA GLN A 112 16.30 0.95 -5.99
C GLN A 112 14.84 1.32 -6.17
N VAL A 113 14.04 0.41 -6.70
CA VAL A 113 12.64 0.71 -6.90
C VAL A 113 11.96 1.14 -5.61
N GLY A 114 12.26 0.46 -4.51
CA GLY A 114 11.65 0.80 -3.24
C GLY A 114 12.06 2.18 -2.73
N THR A 115 13.26 2.61 -3.13
CA THR A 115 13.79 3.90 -2.75
C THR A 115 12.94 4.96 -3.47
N GLU A 116 12.75 4.76 -4.78
CA GLU A 116 11.96 5.68 -5.58
C GLU A 116 10.52 5.79 -5.09
N ARG A 117 9.91 4.66 -4.74
CA ARG A 117 8.53 4.71 -4.27
C ARG A 117 8.38 5.59 -3.03
N ALA A 118 9.27 5.40 -2.05
CA ALA A 118 9.18 6.19 -0.83
C ALA A 118 9.49 7.66 -1.14
N TRP A 119 10.50 7.88 -1.99
CA TRP A 119 10.88 9.25 -2.37
C TRP A 119 9.71 10.00 -3.00
N THR A 120 8.99 9.32 -3.89
CA THR A 120 7.85 9.92 -4.59
C THR A 120 6.72 10.27 -3.62
N VAL A 121 6.42 9.36 -2.70
CA VAL A 121 5.35 9.61 -1.72
C VAL A 121 5.76 10.82 -0.88
N ALA A 122 7.02 10.86 -0.46
CA ALA A 122 7.48 11.97 0.35
C ALA A 122 7.32 13.29 -0.42
N GLU A 123 7.69 13.26 -1.70
CA GLU A 123 7.59 14.44 -2.55
C GLU A 123 6.14 14.91 -2.65
N ARG A 124 5.21 14.00 -2.88
CA ARG A 124 3.79 14.37 -2.99
C ARG A 124 3.24 14.93 -1.70
N LEU A 125 3.79 14.51 -0.57
CA LEU A 125 3.38 15.03 0.74
C LEU A 125 4.06 16.36 1.03
N GLY A 126 4.99 16.75 0.18
CA GLY A 126 5.71 18.01 0.37
C GLY A 126 6.76 17.94 1.45
N LEU A 127 7.29 16.74 1.67
CA LEU A 127 8.29 16.54 2.70
C LEU A 127 9.74 16.72 2.34
N PRO A 128 10.52 17.35 3.21
CA PRO A 128 11.96 17.53 2.99
C PRO A 128 12.51 16.09 3.01
N ARG A 129 13.63 15.87 2.34
CA ARG A 129 14.25 14.56 2.29
C ARG A 129 15.75 14.67 2.54
N MET A 130 16.29 13.69 3.27
CA MET A 130 17.72 13.58 3.56
C MET A 130 18.02 12.12 3.22
N VAL A 131 19.23 11.84 2.74
CA VAL A 131 19.63 10.47 2.40
C VAL A 131 20.69 10.01 3.38
N VAL A 132 20.61 8.75 3.80
CA VAL A 132 21.68 8.20 4.64
C VAL A 132 22.20 6.97 3.89
N VAL A 133 23.50 6.98 3.61
CA VAL A 133 24.13 5.88 2.88
C VAL A 133 24.69 4.86 3.85
N THR A 134 24.15 3.65 3.73
CA THR A 134 24.52 2.53 4.59
C THR A 134 25.35 1.50 3.84
N LYS A 135 25.84 0.51 4.58
CA LYS A 135 26.58 -0.62 4.00
C LYS A 135 27.83 -0.32 3.17
N LEU A 136 28.44 0.85 3.37
CA LEU A 136 29.65 1.13 2.60
C LEU A 136 30.76 0.13 2.98
N ASP A 137 30.65 -0.50 4.16
CA ASP A 137 31.67 -1.45 4.60
C ASP A 137 31.70 -2.68 3.71
N LYS A 138 30.65 -2.87 2.92
CA LYS A 138 30.62 -4.01 2.02
C LYS A 138 31.47 -3.79 0.74
N GLY A 139 32.01 -2.57 0.57
CA GLY A 139 32.91 -2.32 -0.56
C GLY A 139 32.62 -1.40 -1.75
N GLY A 140 31.50 -0.69 -1.73
CA GLY A 140 31.12 0.18 -2.84
C GLY A 140 31.89 1.46 -3.11
N ASP A 141 31.47 2.16 -4.16
CA ASP A 141 32.11 3.41 -4.58
C ASP A 141 31.21 4.59 -4.23
N TYR A 142 31.52 5.23 -3.11
CA TYR A 142 30.73 6.34 -2.63
C TYR A 142 30.66 7.52 -3.59
N TYR A 143 31.76 7.81 -4.26
CA TYR A 143 31.77 8.94 -5.17
C TYR A 143 30.90 8.73 -6.39
N ALA A 144 30.89 7.51 -6.93
CA ALA A 144 30.04 7.20 -8.06
C ALA A 144 28.58 7.23 -7.58
N LEU A 145 28.35 6.81 -6.34
CA LEU A 145 27.00 6.83 -5.78
C LEU A 145 26.51 8.26 -5.70
N LEU A 146 27.35 9.19 -5.25
CA LEU A 146 26.92 10.59 -5.19
C LEU A 146 26.51 11.08 -6.59
N GLU A 147 27.27 10.71 -7.62
CA GLU A 147 26.91 11.13 -8.98
C GLU A 147 25.58 10.53 -9.39
N ASP A 148 25.36 9.26 -9.03
CA ASP A 148 24.12 8.59 -9.37
C ASP A 148 22.95 9.23 -8.63
N LEU A 149 23.18 9.61 -7.37
CA LEU A 149 22.12 10.25 -6.59
C LEU A 149 21.77 11.59 -7.21
N ARG A 150 22.78 12.33 -7.66
CA ARG A 150 22.54 13.62 -8.29
C ARG A 150 21.73 13.44 -9.58
N SER A 151 22.09 12.42 -10.35
CA SER A 151 21.40 12.14 -11.61
C SER A 151 19.94 11.75 -11.41
N THR A 152 19.68 11.00 -10.35
CA THR A 152 18.34 10.49 -10.08
C THR A 152 17.45 11.35 -9.20
N LEU A 153 18.03 11.92 -8.14
CA LEU A 153 17.26 12.72 -7.20
C LEU A 153 17.39 14.24 -7.36
N GLY A 154 18.46 14.71 -7.96
CA GLY A 154 18.60 16.13 -8.15
C GLY A 154 19.57 16.86 -7.24
N PRO A 155 19.10 17.94 -6.58
CA PRO A 155 19.92 18.76 -5.70
C PRO A 155 20.41 18.14 -4.38
N ILE A 156 21.20 17.09 -4.48
CA ILE A 156 21.74 16.49 -3.27
C ILE A 156 22.85 17.39 -2.72
N LEU A 157 23.15 17.23 -1.44
CA LEU A 157 24.15 18.06 -0.79
C LEU A 157 25.01 17.15 0.08
N PRO A 158 26.20 16.78 -0.40
CA PRO A 158 27.06 15.90 0.41
C PRO A 158 27.53 16.54 1.71
N ILE A 159 27.17 15.95 2.84
CA ILE A 159 27.60 16.45 4.14
C ILE A 159 28.85 15.69 4.54
N ASP A 160 28.85 14.39 4.23
CA ASP A 160 29.96 13.52 4.63
C ASP A 160 30.62 12.87 3.43
N LEU A 161 31.90 12.59 3.60
CA LEU A 161 32.68 11.80 2.64
C LEU A 161 33.28 10.69 3.53
N PRO A 162 33.62 9.56 2.94
CA PRO A 162 34.19 8.47 3.75
C PRO A 162 35.64 8.62 4.12
N LEU A 163 35.96 8.24 5.37
CA LEU A 163 37.35 8.23 5.80
C LEU A 163 37.83 6.79 5.67
N TYR A 164 38.90 6.58 4.89
CA TYR A 164 39.45 5.25 4.72
C TYR A 164 40.85 5.15 5.31
N GLU A 165 41.21 3.95 5.72
CA GLU A 165 42.55 3.66 6.22
C GLU A 165 42.92 2.35 5.52
N GLY A 166 43.90 2.43 4.63
CA GLY A 166 44.33 1.24 3.91
C GLY A 166 43.19 0.48 3.26
N GLY A 167 42.29 1.21 2.61
CA GLY A 167 41.17 0.56 1.94
C GLY A 167 39.97 0.20 2.80
N LYS A 168 40.09 0.35 4.12
CA LYS A 168 39.00 0.02 5.02
C LYS A 168 38.25 1.29 5.44
N TRP A 169 36.92 1.24 5.35
CA TRP A 169 36.10 2.39 5.76
C TRP A 169 36.09 2.43 7.28
N VAL A 170 36.56 3.52 7.86
CA VAL A 170 36.65 3.67 9.30
C VAL A 170 35.98 4.91 9.87
N GLY A 171 35.50 5.79 9.01
CA GLY A 171 34.91 7.00 9.55
C GLY A 171 34.35 7.98 8.56
N LEU A 172 34.29 9.23 9.01
CA LEU A 172 33.69 10.30 8.23
C LEU A 172 34.56 11.53 8.12
N ILE A 173 34.44 12.19 6.98
CA ILE A 173 35.08 13.48 6.75
C ILE A 173 33.89 14.41 6.63
N ASP A 174 33.76 15.35 7.57
CA ASP A 174 32.65 16.29 7.56
C ASP A 174 33.12 17.41 6.64
N VAL A 175 32.55 17.44 5.43
CA VAL A 175 32.96 18.39 4.40
C VAL A 175 32.99 19.85 4.83
N PHE A 176 31.90 20.28 5.42
CA PHE A 176 31.77 21.66 5.87
C PHE A 176 32.89 22.16 6.79
N HIS A 177 33.21 21.38 7.83
CA HIS A 177 34.23 21.80 8.78
C HIS A 177 35.65 21.35 8.46
N GLY A 178 35.82 20.52 7.45
CA GLY A 178 37.16 20.06 7.10
C GLY A 178 37.79 19.30 8.25
N LYS A 179 36.99 18.46 8.89
CA LYS A 179 37.47 17.66 10.00
C LYS A 179 37.09 16.23 9.74
N ALA A 180 37.85 15.32 10.33
CA ALA A 180 37.59 13.91 10.12
C ALA A 180 37.49 13.19 11.47
N TYR A 181 36.79 12.06 11.46
CA TYR A 181 36.58 11.28 12.67
C TYR A 181 36.65 9.80 12.35
N ARG A 182 37.39 9.05 13.15
CA ARG A 182 37.49 7.62 12.93
C ARG A 182 36.80 6.90 14.07
N TYR A 183 36.31 5.70 13.79
CA TYR A 183 35.61 4.91 14.78
C TYR A 183 36.28 3.57 15.05
N GLU A 184 36.27 3.18 16.32
CA GLU A 184 36.78 1.89 16.71
C GLU A 184 35.80 1.48 17.79
N ASN A 185 35.06 0.41 17.51
CA ASN A 185 34.05 -0.09 18.44
C ASN A 185 32.96 0.94 18.75
N GLY A 186 32.49 1.63 17.71
CA GLY A 186 31.43 2.62 17.88
C GLY A 186 31.84 3.91 18.57
N GLU A 187 33.11 3.98 18.98
CA GLU A 187 33.63 5.16 19.64
C GLU A 187 34.40 6.01 18.65
N GLU A 188 34.09 7.30 18.66
CA GLU A 188 34.68 8.26 17.76
C GLU A 188 35.84 9.08 18.31
N ARG A 189 36.88 9.29 17.49
CA ARG A 189 38.00 10.16 17.85
C ARG A 189 38.34 10.95 16.61
N GLU A 190 38.71 12.21 16.77
CA GLU A 190 39.04 13.05 15.63
C GLU A 190 40.31 12.48 14.96
N ALA A 191 40.36 12.63 13.66
CA ALA A 191 41.48 12.15 12.86
C ALA A 191 41.82 13.26 11.89
N GLU A 192 42.97 13.13 11.23
CA GLU A 192 43.37 14.14 10.27
C GLU A 192 42.76 13.80 8.91
N VAL A 193 42.45 14.82 8.12
CA VAL A 193 41.95 14.57 6.77
C VAL A 193 43.22 14.11 6.04
N PRO A 194 43.19 12.91 5.44
CA PRO A 194 44.38 12.44 4.74
C PRO A 194 44.88 13.46 3.69
N PRO A 195 46.20 13.67 3.61
CA PRO A 195 46.84 14.60 2.67
C PRO A 195 46.35 14.39 1.23
N GLU A 196 46.31 13.14 0.82
CA GLU A 196 45.87 12.80 -0.53
C GLU A 196 44.39 13.08 -0.81
N GLU A 197 43.63 13.36 0.24
CA GLU A 197 42.20 13.62 0.09
C GLU A 197 41.85 15.10 0.15
N ARG A 198 42.77 15.90 0.66
CA ARG A 198 42.46 17.31 0.85
C ARG A 198 41.93 18.12 -0.30
N GLU A 199 42.51 17.94 -1.49
CA GLU A 199 42.02 18.69 -2.64
C GLU A 199 40.57 18.32 -2.97
N ARG A 200 40.24 17.04 -2.90
CA ARG A 200 38.88 16.62 -3.22
C ARG A 200 37.91 17.12 -2.14
N VAL A 201 38.32 17.03 -0.89
CA VAL A 201 37.47 17.50 0.20
C VAL A 201 37.19 18.98 0.02
N GLN A 202 38.22 19.74 -0.36
CA GLN A 202 38.07 21.18 -0.57
C GLN A 202 37.08 21.47 -1.70
N ARG A 203 37.15 20.68 -2.77
CA ARG A 203 36.26 20.84 -3.92
C ARG A 203 34.82 20.65 -3.48
N PHE A 204 34.58 19.58 -2.71
CA PHE A 204 33.23 19.33 -2.23
C PHE A 204 32.75 20.44 -1.30
N ARG A 205 33.64 20.98 -0.49
CA ARG A 205 33.23 22.04 0.42
C ARG A 205 32.76 23.26 -0.38
N GLN A 206 33.52 23.59 -1.42
CA GLN A 206 33.19 24.74 -2.27
C GLN A 206 31.83 24.51 -2.92
N GLU A 207 31.60 23.28 -3.37
CA GLU A 207 30.34 22.93 -4.01
C GLU A 207 29.17 23.06 -3.03
N VAL A 208 29.38 22.63 -1.79
CA VAL A 208 28.33 22.71 -0.78
C VAL A 208 27.99 24.16 -0.46
N LEU A 209 29.03 24.97 -0.25
CA LEU A 209 28.85 26.40 0.05
C LEU A 209 28.05 27.06 -1.06
N GLU A 210 28.50 26.85 -2.30
CA GLU A 210 27.84 27.42 -3.45
C GLU A 210 26.38 26.96 -3.58
N ALA A 211 26.11 25.68 -3.32
CA ALA A 211 24.73 25.19 -3.44
C ALA A 211 23.79 25.85 -2.42
N ILE A 212 24.29 26.10 -1.22
CA ILE A 212 23.51 26.72 -0.17
C ILE A 212 23.29 28.20 -0.48
N VAL A 213 24.35 28.90 -0.85
CA VAL A 213 24.26 30.32 -1.16
C VAL A 213 23.20 30.60 -2.23
N GLU A 214 23.19 29.78 -3.27
CA GLU A 214 22.24 29.94 -4.36
C GLU A 214 20.76 29.83 -3.99
N THR A 215 20.45 29.30 -2.81
CA THR A 215 19.06 29.17 -2.38
C THR A 215 18.59 30.31 -1.51
N ASP A 216 19.47 31.26 -1.20
CA ASP A 216 19.11 32.38 -0.35
C ASP A 216 19.45 33.71 -1.01
N GLU A 217 18.43 34.51 -1.29
CA GLU A 217 18.62 35.79 -1.94
C GLU A 217 19.62 36.68 -1.23
N GLY A 218 19.55 36.72 0.08
CA GLY A 218 20.47 37.54 0.85
C GLY A 218 21.92 37.13 0.66
N LEU A 219 22.21 35.84 0.84
CA LEU A 219 23.57 35.36 0.68
C LEU A 219 24.04 35.40 -0.76
N LEU A 220 23.11 35.21 -1.68
CA LEU A 220 23.45 35.21 -3.07
C LEU A 220 23.92 36.61 -3.48
N GLU A 221 23.26 37.61 -2.92
CA GLU A 221 23.61 39.00 -3.22
C GLU A 221 25.02 39.27 -2.75
N LYS A 222 25.32 38.84 -1.53
CA LYS A 222 26.65 39.03 -0.96
C LYS A 222 27.74 38.33 -1.74
N TYR A 223 27.50 37.11 -2.21
CA TYR A 223 28.51 36.38 -2.96
C TYR A 223 28.85 37.04 -4.29
N LEU A 224 27.84 37.58 -4.95
CA LEU A 224 28.05 38.22 -6.25
C LEU A 224 28.97 39.43 -6.09
N GLU A 225 28.78 40.15 -4.99
CA GLU A 225 29.57 41.35 -4.70
C GLU A 225 30.93 41.04 -4.07
N GLY A 226 31.03 39.89 -3.42
CA GLY A 226 32.28 39.53 -2.78
C GLY A 226 32.29 39.89 -1.31
N GLU A 227 31.10 39.96 -0.72
CA GLU A 227 30.97 40.27 0.70
C GLU A 227 31.12 38.97 1.47
N GLU A 228 31.37 39.07 2.78
CA GLU A 228 31.55 37.89 3.60
C GLU A 228 30.21 37.26 3.99
N VAL A 229 30.18 35.93 4.02
CA VAL A 229 28.99 35.18 4.41
C VAL A 229 29.35 34.48 5.71
N THR A 230 28.59 34.75 6.77
CA THR A 230 28.88 34.14 8.07
C THR A 230 28.43 32.70 8.17
N GLY A 231 28.98 31.99 9.15
CA GLY A 231 28.61 30.61 9.36
C GLY A 231 27.15 30.56 9.76
N GLU A 232 26.75 31.49 10.63
CA GLU A 232 25.37 31.57 11.10
C GLU A 232 24.41 31.74 9.93
N ALA A 233 24.77 32.62 9.00
CA ALA A 233 23.94 32.89 7.84
C ALA A 233 23.82 31.64 6.98
N LEU A 234 24.95 30.94 6.83
CA LEU A 234 24.99 29.71 6.04
C LEU A 234 24.16 28.60 6.69
N GLU A 235 24.24 28.48 8.01
CA GLU A 235 23.46 27.45 8.72
C GLU A 235 21.97 27.68 8.49
N LYS A 236 21.53 28.91 8.69
CA LYS A 236 20.12 29.25 8.52
C LYS A 236 19.65 29.03 7.09
N ALA A 237 20.49 29.39 6.12
CA ALA A 237 20.13 29.21 4.73
C ALA A 237 20.00 27.71 4.42
N PHE A 238 20.94 26.93 4.94
CA PHE A 238 20.95 25.47 4.76
C PHE A 238 19.63 24.88 5.28
N HIS A 239 19.29 25.20 6.52
CA HIS A 239 18.05 24.70 7.14
C HIS A 239 16.81 25.12 6.34
N GLU A 240 16.82 26.36 5.86
CA GLU A 240 15.68 26.84 5.10
C GLU A 240 15.57 26.16 3.75
N ALA A 241 16.70 25.88 3.12
CA ALA A 241 16.67 25.21 1.83
C ALA A 241 16.15 23.78 1.97
N VAL A 242 16.57 23.10 3.02
CA VAL A 242 16.13 21.72 3.22
C VAL A 242 14.62 21.73 3.53
N ARG A 243 14.21 22.68 4.35
CA ARG A 243 12.79 22.82 4.70
C ARG A 243 11.90 22.93 3.44
N ARG A 244 12.39 23.66 2.42
CA ARG A 244 11.67 23.87 1.18
C ARG A 244 11.87 22.81 0.12
N GLY A 245 12.62 21.76 0.45
CA GLY A 245 12.86 20.69 -0.51
C GLY A 245 13.76 21.10 -1.66
N LEU A 246 14.63 22.08 -1.40
CA LEU A 246 15.54 22.57 -2.42
C LEU A 246 16.93 21.93 -2.37
N LEU A 247 17.22 21.24 -1.25
CA LEU A 247 18.50 20.56 -1.11
C LEU A 247 18.23 19.29 -0.31
N TYR A 248 18.93 18.22 -0.66
CA TYR A 248 18.76 16.94 0.02
C TYR A 248 20.11 16.54 0.61
N PRO A 249 20.31 16.75 1.91
CA PRO A 249 21.60 16.38 2.51
C PRO A 249 21.87 14.88 2.38
N VAL A 250 23.13 14.51 2.17
CA VAL A 250 23.50 13.11 2.07
C VAL A 250 24.51 12.82 3.18
N ALA A 251 24.13 11.93 4.08
CA ALA A 251 24.96 11.56 5.21
C ALA A 251 25.42 10.11 5.03
N LEU A 252 26.46 9.76 5.77
CA LEU A 252 27.00 8.41 5.73
C LEU A 252 26.95 7.85 7.15
N ALA A 253 26.31 6.69 7.32
CA ALA A 253 26.24 6.07 8.64
C ALA A 253 25.90 4.60 8.50
N SER A 254 26.35 3.80 9.45
CA SER A 254 26.08 2.36 9.44
C SER A 254 25.80 1.93 10.88
N GLY A 255 24.65 1.29 11.10
CA GLY A 255 24.37 0.82 12.45
C GLY A 255 25.13 -0.47 12.73
N GLU A 256 25.55 -1.16 11.67
CA GLU A 256 26.27 -2.43 11.81
C GLU A 256 27.72 -2.18 12.20
N ARG A 257 28.34 -1.21 11.57
CA ARG A 257 29.74 -0.86 11.88
C ARG A 257 29.81 0.21 12.98
N GLU A 258 28.65 0.72 13.41
CA GLU A 258 28.56 1.78 14.41
C GLU A 258 29.43 2.96 14.03
N ILE A 259 29.24 3.43 12.80
CA ILE A 259 29.96 4.60 12.29
C ILE A 259 28.96 5.71 11.97
N GLY A 260 29.21 6.90 12.51
CA GLY A 260 28.37 8.06 12.21
C GLY A 260 26.95 8.10 12.75
N VAL A 261 26.66 7.29 13.75
CA VAL A 261 25.29 7.24 14.27
C VAL A 261 24.87 8.53 14.99
N LEU A 262 25.63 8.99 15.99
CA LEU A 262 25.22 10.21 16.67
C LEU A 262 25.37 11.41 15.73
N PRO A 263 26.39 11.42 14.87
CA PRO A 263 26.50 12.57 13.94
C PRO A 263 25.24 12.66 13.04
N LEU A 264 24.67 11.50 12.69
CA LEU A 264 23.45 11.48 11.87
C LEU A 264 22.30 12.12 12.66
N LEU A 265 22.21 11.78 13.95
CA LEU A 265 21.16 12.35 14.78
C LEU A 265 21.31 13.87 14.87
N GLU A 266 22.54 14.33 15.04
CA GLU A 266 22.80 15.77 15.13
C GLU A 266 22.42 16.44 13.81
N LEU A 267 22.74 15.78 12.69
CA LEU A 267 22.39 16.33 11.38
C LEU A 267 20.87 16.38 11.19
N ILE A 268 20.14 15.39 11.72
CA ILE A 268 18.68 15.42 11.62
C ILE A 268 18.16 16.68 12.30
N LEU A 269 18.67 16.96 13.50
CA LEU A 269 18.25 18.15 14.24
C LEU A 269 18.63 19.42 13.48
N GLU A 270 19.83 19.45 12.94
CA GLU A 270 20.28 20.65 12.22
C GLU A 270 19.60 20.92 10.89
N ALA A 271 19.33 19.86 10.13
CA ALA A 271 18.76 20.00 8.80
C ALA A 271 17.26 19.89 8.59
N LEU A 272 16.58 19.07 9.38
CA LEU A 272 15.17 18.84 9.16
C LEU A 272 14.30 19.78 9.97
N PRO A 273 13.09 20.07 9.47
CA PRO A 273 12.20 20.99 10.16
C PRO A 273 11.48 20.52 11.39
N SER A 274 11.18 21.49 12.25
CA SER A 274 10.42 21.24 13.47
C SER A 274 8.94 21.30 13.08
N PRO A 275 8.06 20.78 13.95
CA PRO A 275 6.63 20.81 13.65
C PRO A 275 6.13 22.25 13.51
N THR A 276 6.68 23.14 14.33
CA THR A 276 6.31 24.55 14.28
C THR A 276 6.63 25.15 12.93
N GLU A 277 7.79 24.78 12.38
CA GLU A 277 8.16 25.29 11.06
C GLU A 277 7.23 24.78 9.95
N ARG A 278 6.56 23.66 10.18
CA ARG A 278 5.66 23.13 9.18
C ARG A 278 4.20 23.59 9.34
N PHE A 279 3.71 23.50 10.57
CA PHE A 279 2.31 23.80 10.91
C PHE A 279 2.06 25.08 11.67
N GLY A 280 3.13 25.73 12.13
CA GLY A 280 2.97 26.93 12.94
C GLY A 280 2.47 26.51 14.32
N ASP A 281 2.15 27.49 15.17
CA ASP A 281 1.66 27.17 16.50
C ASP A 281 0.14 27.31 16.45
N GLY A 282 -0.54 26.64 17.37
CA GLY A 282 -1.99 26.71 17.36
C GLY A 282 -2.62 25.60 18.15
N PRO A 283 -3.95 25.43 18.02
CA PRO A 283 -4.67 24.40 18.75
C PRO A 283 -4.24 23.01 18.32
N PRO A 284 -4.39 22.03 19.21
CA PRO A 284 -4.03 20.64 18.93
C PRO A 284 -4.62 20.14 17.60
N LEU A 285 -3.77 19.46 16.83
CA LEU A 285 -4.18 18.85 15.56
C LEU A 285 -3.38 17.57 15.54
N ALA A 286 -4.07 16.45 15.38
CA ALA A 286 -3.43 15.13 15.39
C ALA A 286 -4.13 14.17 14.45
N LYS A 287 -3.51 13.03 14.22
CA LYS A 287 -4.11 12.04 13.34
C LYS A 287 -3.64 10.65 13.75
N VAL A 288 -4.54 9.66 13.65
CA VAL A 288 -4.17 8.26 13.96
C VAL A 288 -3.57 7.77 12.64
N PHE A 289 -2.24 7.55 12.62
CA PHE A 289 -1.61 7.13 11.36
C PHE A 289 -1.48 5.63 11.22
N LYS A 290 -1.63 4.92 12.33
CA LYS A 290 -1.61 3.45 12.28
C LYS A 290 -2.23 2.89 13.54
N VAL A 291 -2.54 1.59 13.47
CA VAL A 291 -3.16 0.91 14.59
C VAL A 291 -2.53 -0.48 14.73
N GLN A 292 -2.30 -0.90 15.97
CA GLN A 292 -1.84 -2.28 16.22
C GLN A 292 -2.93 -2.94 17.05
N VAL A 293 -3.14 -4.24 16.87
CA VAL A 293 -4.07 -4.98 17.75
C VAL A 293 -3.21 -6.22 18.06
N ASP A 294 -2.17 -6.02 18.86
CA ASP A 294 -1.23 -7.10 19.21
C ASP A 294 -1.86 -8.08 20.18
N PRO A 295 -1.66 -9.38 19.98
CA PRO A 295 -2.25 -10.34 20.90
C PRO A 295 -1.92 -10.01 22.36
N PHE A 296 -2.95 -10.09 23.21
CA PHE A 296 -2.83 -9.83 24.64
C PHE A 296 -2.59 -8.36 25.00
N MET A 297 -2.77 -7.46 24.03
CA MET A 297 -2.55 -6.04 24.32
C MET A 297 -3.78 -5.19 24.02
N GLY A 298 -4.66 -5.69 23.14
CA GLY A 298 -5.83 -4.92 22.78
C GLY A 298 -5.42 -3.90 21.74
N GLN A 299 -6.36 -3.09 21.26
CA GLN A 299 -6.08 -2.11 20.22
C GLN A 299 -5.31 -0.90 20.75
N VAL A 300 -4.24 -0.54 20.04
CA VAL A 300 -3.45 0.64 20.39
C VAL A 300 -3.43 1.51 19.14
N ALA A 301 -3.82 2.78 19.30
CA ALA A 301 -3.86 3.75 18.21
C ALA A 301 -2.59 4.57 18.32
N TYR A 302 -1.94 4.79 17.18
CA TYR A 302 -0.71 5.57 17.16
C TYR A 302 -1.05 6.92 16.57
N LEU A 303 -0.83 7.94 17.39
CA LEU A 303 -1.20 9.29 17.04
C LEU A 303 -0.04 10.20 16.84
N ARG A 304 -0.05 10.96 15.75
CA ARG A 304 0.97 11.98 15.54
C ARG A 304 0.32 13.30 15.96
N LEU A 305 0.99 14.04 16.84
CA LEU A 305 0.49 15.34 17.27
C LEU A 305 1.24 16.33 16.38
N TYR A 306 0.51 16.93 15.45
CA TYR A 306 1.12 17.87 14.50
C TYR A 306 1.31 19.24 15.05
N ARG A 307 0.40 19.63 15.93
CA ARG A 307 0.43 20.98 16.46
C ARG A 307 -0.21 20.95 17.80
N GLY A 308 0.22 21.86 18.67
CA GLY A 308 -0.36 21.96 19.99
C GLY A 308 0.37 21.19 21.06
N ARG A 309 -0.15 21.26 22.27
CA ARG A 309 0.46 20.60 23.39
C ARG A 309 -0.64 19.87 24.16
N LEU A 310 -0.27 18.76 24.79
CA LEU A 310 -1.24 18.00 25.57
C LEU A 310 -0.69 17.62 26.93
N LYS A 311 -1.62 17.56 27.89
CA LYS A 311 -1.29 17.14 29.25
C LYS A 311 -2.23 15.99 29.59
N PRO A 312 -1.85 15.14 30.57
CA PRO A 312 -2.71 14.02 30.95
C PRO A 312 -4.07 14.57 31.40
N GLY A 313 -5.14 13.92 30.96
CA GLY A 313 -6.47 14.38 31.32
C GLY A 313 -7.14 15.23 30.25
N ASP A 314 -6.36 15.66 29.25
CA ASP A 314 -6.90 16.46 28.16
C ASP A 314 -7.75 15.60 27.23
N SER A 315 -8.56 16.26 26.40
CA SER A 315 -9.43 15.60 25.44
C SER A 315 -9.26 16.23 24.06
N LEU A 316 -9.55 15.44 23.02
CA LEU A 316 -9.50 15.90 21.65
C LEU A 316 -10.86 15.59 21.01
N GLN A 317 -11.30 16.46 20.12
CA GLN A 317 -12.56 16.22 19.40
C GLN A 317 -12.24 15.27 18.26
N SER A 318 -13.24 14.52 17.81
CA SER A 318 -13.07 13.60 16.68
C SER A 318 -14.44 13.37 16.11
N GLU A 319 -14.50 12.74 14.94
CA GLU A 319 -15.79 12.50 14.31
C GLU A 319 -16.65 11.55 15.15
N ALA A 320 -16.01 10.84 16.08
CA ALA A 320 -16.71 9.89 16.93
C ALA A 320 -16.93 10.44 18.33
N GLY A 321 -16.76 11.75 18.49
CA GLY A 321 -16.95 12.36 19.79
C GLY A 321 -15.63 12.64 20.48
N GLN A 322 -15.72 13.10 21.73
CA GLN A 322 -14.52 13.42 22.51
C GLN A 322 -13.68 12.21 22.84
N VAL A 323 -12.37 12.39 22.71
CA VAL A 323 -11.41 11.34 23.00
C VAL A 323 -10.60 11.81 24.20
N ARG A 324 -10.83 11.24 25.38
CA ARG A 324 -10.05 11.65 26.54
C ARG A 324 -8.76 10.83 26.67
N LEU A 325 -7.72 11.49 27.14
CA LEU A 325 -6.40 10.88 27.31
C LEU A 325 -5.95 11.05 28.75
N PRO A 326 -6.48 10.22 29.67
CA PRO A 326 -6.10 10.32 31.08
C PRO A 326 -4.61 10.10 31.31
N HIS A 327 -4.00 9.29 30.44
CA HIS A 327 -2.56 9.03 30.52
C HIS A 327 -2.00 9.22 29.12
N LEU A 328 -0.79 9.76 29.06
CA LEU A 328 -0.12 9.96 27.78
C LEU A 328 1.03 8.97 27.72
N TYR A 329 1.16 8.27 26.58
CA TYR A 329 2.25 7.30 26.42
C TYR A 329 2.94 7.50 25.09
N VAL A 330 4.26 7.35 25.10
CA VAL A 330 5.05 7.42 23.88
C VAL A 330 5.46 5.97 23.63
N PRO A 331 5.33 5.50 22.38
CA PRO A 331 5.69 4.12 22.07
C PRO A 331 7.15 3.94 21.70
N MET A 332 7.71 2.80 22.11
CA MET A 332 9.09 2.44 21.76
C MET A 332 8.88 1.00 21.35
N GLY A 333 8.74 0.78 20.05
CA GLY A 333 8.44 -0.58 19.61
C GLY A 333 7.12 -0.96 20.24
N LYS A 334 7.05 -2.16 20.82
CA LYS A 334 5.81 -2.61 21.43
C LYS A 334 5.53 -2.06 22.83
N ASP A 335 6.48 -1.33 23.42
CA ASP A 335 6.31 -0.79 24.77
C ASP A 335 5.67 0.59 24.76
N LEU A 336 4.87 0.89 25.79
CA LEU A 336 4.25 2.22 25.92
C LEU A 336 4.87 2.84 27.16
N LEU A 337 5.52 3.99 26.98
CA LEU A 337 6.20 4.66 28.10
C LEU A 337 5.38 5.89 28.50
N GLU A 338 4.99 5.96 29.78
CA GLU A 338 4.18 7.09 30.20
C GLU A 338 4.98 8.39 30.30
N VAL A 339 4.37 9.47 29.85
CA VAL A 339 4.99 10.78 29.89
C VAL A 339 4.01 11.75 30.54
N GLU A 340 4.51 12.88 30.99
CA GLU A 340 3.66 13.85 31.66
C GLU A 340 3.22 15.01 30.79
N GLU A 341 3.69 15.05 29.54
CA GLU A 341 3.27 16.09 28.61
C GLU A 341 3.67 15.62 27.22
N ALA A 342 3.02 16.20 26.22
CA ALA A 342 3.34 15.90 24.83
C ALA A 342 3.28 17.20 24.06
N GLU A 343 4.25 17.42 23.18
CA GLU A 343 4.28 18.67 22.40
C GLU A 343 4.20 18.29 20.94
N ALA A 344 3.99 19.26 20.06
CA ALA A 344 3.89 18.96 18.63
C ALA A 344 5.18 18.22 18.22
N GLY A 345 4.99 17.15 17.44
CA GLY A 345 6.13 16.33 17.02
C GLY A 345 6.06 14.96 17.71
N PHE A 346 5.43 14.92 18.87
CA PHE A 346 5.29 13.65 19.58
C PHE A 346 4.42 12.68 18.83
N VAL A 347 4.70 11.40 19.06
CA VAL A 347 3.87 10.32 18.57
C VAL A 347 3.45 9.67 19.87
N LEU A 348 2.14 9.48 20.02
CA LEU A 348 1.60 8.85 21.21
C LEU A 348 0.98 7.51 20.91
N GLY A 349 1.00 6.62 21.91
CA GLY A 349 0.35 5.33 21.74
C GLY A 349 -0.83 5.40 22.70
N VAL A 350 -2.05 5.21 22.19
CA VAL A 350 -3.26 5.27 23.02
C VAL A 350 -3.79 3.86 23.21
N PRO A 351 -3.73 3.31 24.44
CA PRO A 351 -4.24 1.95 24.68
C PRO A 351 -5.76 1.92 24.80
N LYS A 352 -6.34 0.72 24.79
CA LYS A 352 -7.80 0.54 24.86
C LYS A 352 -8.44 1.44 23.81
N ALA A 353 -7.85 1.43 22.62
CA ALA A 353 -8.31 2.30 21.55
C ALA A 353 -9.25 1.67 20.52
N GLU A 354 -10.11 0.74 20.94
CA GLU A 354 -11.01 0.12 19.99
C GLU A 354 -11.86 1.09 19.16
N GLY A 355 -12.09 2.30 19.66
CA GLY A 355 -12.88 3.24 18.88
C GLY A 355 -12.10 4.19 17.99
N LEU A 356 -10.79 4.06 17.97
CA LEU A 356 -9.92 4.95 17.17
C LEU A 356 -9.36 4.18 15.98
N HIS A 357 -9.66 4.65 14.78
CA HIS A 357 -9.26 3.96 13.56
C HIS A 357 -8.22 4.68 12.75
N ARG A 358 -7.49 3.94 11.91
CA ARG A 358 -6.48 4.56 11.07
C ARG A 358 -7.12 5.66 10.23
N GLY A 359 -6.45 6.82 10.17
CA GLY A 359 -6.92 7.94 9.36
C GLY A 359 -7.78 8.97 10.07
N MET A 360 -8.15 8.65 11.29
CA MET A 360 -9.00 9.54 12.10
C MET A 360 -8.25 10.80 12.50
N VAL A 361 -8.88 11.96 12.29
CA VAL A 361 -8.28 13.24 12.65
C VAL A 361 -8.82 13.66 14.01
N LEU A 362 -7.95 14.26 14.83
CA LEU A 362 -8.34 14.71 16.16
C LEU A 362 -7.93 16.17 16.28
N TRP A 363 -8.74 16.95 16.99
CA TRP A 363 -8.41 18.37 17.08
C TRP A 363 -9.07 19.03 18.27
N GLN A 364 -8.69 20.29 18.47
CA GLN A 364 -9.36 21.15 19.43
C GLN A 364 -9.69 22.39 18.62
N GLY A 365 -10.78 23.08 18.97
CA GLY A 365 -11.14 24.26 18.21
C GLY A 365 -11.85 23.91 16.92
N GLU A 366 -11.65 24.75 15.90
CA GLU A 366 -12.28 24.56 14.60
C GLU A 366 -11.75 23.30 13.92
N LYS A 367 -12.66 22.45 13.43
CA LYS A 367 -12.26 21.22 12.76
C LYS A 367 -11.46 21.52 11.50
N PRO A 368 -10.42 20.72 11.22
CA PRO A 368 -9.62 20.96 10.01
C PRO A 368 -10.37 20.52 8.75
N GLU A 369 -10.01 21.17 7.64
CA GLU A 369 -10.55 20.83 6.33
C GLU A 369 -9.47 19.95 5.69
N SER A 370 -9.75 19.34 4.55
CA SER A 370 -8.78 18.44 3.93
C SER A 370 -7.38 18.99 3.63
N GLU A 371 -7.28 20.27 3.29
CA GLU A 371 -5.97 20.85 2.98
C GLU A 371 -5.05 20.99 4.19
N GLU A 372 -5.62 20.94 5.39
CA GLU A 372 -4.83 21.12 6.61
C GLU A 372 -4.23 19.86 7.21
N VAL A 373 -4.66 18.71 6.73
CA VAL A 373 -4.22 17.41 7.27
C VAL A 373 -3.44 16.59 6.25
N PRO A 374 -2.19 16.18 6.59
CA PRO A 374 -1.42 15.38 5.62
C PRO A 374 -2.21 14.11 5.24
N PHE A 375 -2.16 13.72 3.97
CA PHE A 375 -2.90 12.56 3.55
C PHE A 375 -2.19 11.88 2.40
N ALA A 376 -1.95 10.58 2.55
CA ALA A 376 -1.35 9.79 1.49
C ALA A 376 -2.33 8.66 1.20
N ARG A 377 -2.89 8.69 0.00
CA ARG A 377 -3.85 7.71 -0.45
C ARG A 377 -3.19 6.33 -0.57
N LEU A 378 -3.91 5.28 -0.19
CA LEU A 378 -3.38 3.93 -0.37
C LEU A 378 -3.96 3.36 -1.67
N PRO A 379 -3.10 2.80 -2.54
CA PRO A 379 -3.58 2.22 -3.80
C PRO A 379 -4.41 1.00 -3.41
N ASP A 380 -5.45 0.66 -4.17
CA ASP A 380 -6.25 -0.51 -3.79
C ASP A 380 -5.40 -1.79 -3.91
N PRO A 381 -5.64 -2.77 -3.02
CA PRO A 381 -4.89 -4.03 -3.08
C PRO A 381 -5.38 -4.74 -4.35
N ASN A 382 -4.48 -5.44 -5.04
CA ASN A 382 -4.86 -6.07 -6.30
C ASN A 382 -4.62 -7.55 -6.41
N VAL A 383 -4.22 -8.19 -5.31
CA VAL A 383 -3.94 -9.63 -5.32
C VAL A 383 -5.01 -10.33 -4.50
N PRO A 384 -5.88 -11.09 -5.16
CA PRO A 384 -6.94 -11.78 -4.44
C PRO A 384 -6.73 -13.24 -4.14
N VAL A 385 -7.23 -13.65 -2.99
CA VAL A 385 -7.23 -15.07 -2.62
C VAL A 385 -8.60 -15.34 -1.99
N ALA A 386 -9.11 -16.55 -2.12
CA ALA A 386 -10.37 -16.89 -1.47
C ALA A 386 -9.95 -17.46 -0.11
N LEU A 387 -10.64 -17.05 0.95
CA LEU A 387 -10.35 -17.46 2.33
C LEU A 387 -11.24 -18.59 2.81
N HIS A 388 -10.64 -19.55 3.52
CA HIS A 388 -11.39 -20.67 4.06
C HIS A 388 -10.95 -21.00 5.49
N PRO A 389 -11.87 -21.06 6.45
CA PRO A 389 -11.40 -21.42 7.80
C PRO A 389 -11.01 -22.89 7.73
N LYS A 390 -9.98 -23.28 8.46
CA LYS A 390 -9.51 -24.66 8.41
C LYS A 390 -10.54 -25.66 8.96
N GLY A 391 -11.12 -25.33 10.10
CA GLY A 391 -12.12 -26.19 10.70
C GLY A 391 -13.15 -25.42 11.49
N ARG A 392 -13.97 -26.18 12.20
CA ARG A 392 -15.05 -25.67 13.03
C ARG A 392 -14.67 -24.52 13.99
N THR A 393 -13.62 -24.73 14.79
CA THR A 393 -13.18 -23.70 15.73
C THR A 393 -12.81 -22.43 14.98
N ASP A 394 -12.15 -22.59 13.84
CA ASP A 394 -11.76 -21.42 13.06
C ASP A 394 -12.94 -20.65 12.47
N GLU A 395 -13.95 -21.35 11.96
CA GLU A 395 -15.09 -20.66 11.39
C GLU A 395 -15.80 -19.80 12.46
N ALA A 396 -15.89 -20.31 13.68
CA ALA A 396 -16.54 -19.58 14.76
C ALA A 396 -15.79 -18.34 15.21
N ARG A 397 -14.47 -18.37 15.04
CA ARG A 397 -13.60 -17.28 15.47
C ARG A 397 -13.19 -16.35 14.33
N LEU A 398 -13.46 -16.75 13.09
CA LEU A 398 -13.00 -15.98 11.94
C LEU A 398 -13.45 -14.54 11.85
N GLY A 399 -14.74 -14.30 12.03
CA GLY A 399 -15.24 -12.94 11.92
C GLY A 399 -14.50 -11.95 12.81
N GLU A 400 -14.32 -12.28 14.08
CA GLU A 400 -13.66 -11.37 15.00
C GLU A 400 -12.17 -11.22 14.68
N ALA A 401 -11.53 -12.31 14.25
CA ALA A 401 -10.11 -12.23 13.93
C ALA A 401 -9.91 -11.34 12.70
N LEU A 402 -10.82 -11.44 11.74
CA LEU A 402 -10.73 -10.60 10.54
C LEU A 402 -10.99 -9.16 10.90
N ARG A 403 -11.91 -8.92 11.85
CA ARG A 403 -12.17 -7.55 12.27
C ARG A 403 -10.86 -6.94 12.80
N LYS A 404 -10.18 -7.67 13.68
CA LYS A 404 -8.91 -7.20 14.25
C LYS A 404 -7.86 -6.99 13.15
N LEU A 405 -7.77 -7.94 12.23
CA LEU A 405 -6.80 -7.86 11.14
C LEU A 405 -7.00 -6.63 10.29
N LEU A 406 -8.25 -6.31 9.95
CA LEU A 406 -8.51 -5.14 9.11
C LEU A 406 -8.38 -3.84 9.89
N GLU A 407 -8.54 -3.88 11.21
CA GLU A 407 -8.34 -2.65 12.00
C GLU A 407 -6.85 -2.35 11.95
N GLU A 408 -6.04 -3.37 12.15
CA GLU A 408 -4.60 -3.22 12.16
C GLU A 408 -4.08 -2.92 10.76
N ASP A 409 -4.71 -3.53 9.75
CA ASP A 409 -4.22 -3.33 8.39
C ASP A 409 -5.30 -3.04 7.37
N PRO A 410 -5.67 -1.75 7.26
CA PRO A 410 -6.71 -1.32 6.31
C PRO A 410 -6.24 -1.34 4.85
N SER A 411 -5.01 -1.80 4.60
CA SER A 411 -4.53 -1.92 3.22
C SER A 411 -5.01 -3.23 2.61
N LEU A 412 -5.61 -4.09 3.43
CA LEU A 412 -6.21 -5.32 2.93
C LEU A 412 -7.68 -4.97 2.64
N LYS A 413 -8.34 -5.71 1.75
CA LYS A 413 -9.76 -5.48 1.48
C LYS A 413 -10.44 -6.85 1.59
N LEU A 414 -11.57 -6.89 2.27
CA LEU A 414 -12.27 -8.15 2.45
C LEU A 414 -13.61 -7.97 1.76
N GLU A 415 -13.97 -8.89 0.87
CA GLU A 415 -15.23 -8.78 0.15
C GLU A 415 -15.89 -10.12 -0.15
N ARG A 416 -17.22 -10.11 -0.12
CA ARG A 416 -18.02 -11.28 -0.42
C ARG A 416 -18.26 -11.19 -1.92
N GLN A 417 -17.67 -12.10 -2.69
CA GLN A 417 -17.83 -12.07 -4.14
C GLN A 417 -19.28 -12.44 -4.47
N GLU A 418 -20.08 -11.43 -4.77
CA GLU A 418 -21.50 -11.61 -5.08
C GLU A 418 -21.76 -12.80 -6.00
N GLU A 419 -21.07 -12.80 -7.13
CA GLU A 419 -21.23 -13.80 -8.17
C GLU A 419 -20.80 -15.25 -7.86
N THR A 420 -19.59 -15.43 -7.34
CA THR A 420 -19.10 -16.79 -7.04
C THR A 420 -19.40 -17.26 -5.62
N GLY A 421 -19.76 -16.33 -4.74
CA GLY A 421 -20.06 -16.66 -3.36
C GLY A 421 -18.85 -16.74 -2.44
N GLU A 422 -17.65 -16.61 -2.98
CA GLU A 422 -16.46 -16.72 -2.12
C GLU A 422 -16.18 -15.47 -1.28
N LEU A 423 -15.47 -15.68 -0.16
CA LEU A 423 -15.05 -14.59 0.70
C LEU A 423 -13.61 -14.31 0.24
N LEU A 424 -13.39 -13.13 -0.34
CA LEU A 424 -12.07 -12.82 -0.86
C LEU A 424 -11.31 -11.85 0.01
N LEU A 425 -10.01 -12.08 0.10
CA LEU A 425 -9.11 -11.19 0.82
C LEU A 425 -8.18 -10.64 -0.27
N TRP A 426 -8.09 -9.33 -0.38
CA TRP A 426 -7.23 -8.69 -1.36
C TRP A 426 -6.05 -8.05 -0.66
N GLY A 427 -4.85 -8.30 -1.17
CA GLY A 427 -3.65 -7.75 -0.58
C GLY A 427 -2.72 -7.14 -1.62
N HIS A 428 -1.54 -6.71 -1.17
CA HIS A 428 -0.61 -6.05 -2.07
C HIS A 428 0.53 -6.89 -2.58
N GLY A 429 0.49 -8.19 -2.30
CA GLY A 429 1.54 -9.05 -2.78
C GLY A 429 1.48 -10.38 -2.07
N GLU A 430 2.30 -11.32 -2.53
CA GLU A 430 2.36 -12.64 -1.92
C GLU A 430 2.83 -12.57 -0.46
N LEU A 431 3.86 -11.76 -0.19
CA LEU A 431 4.37 -11.62 1.15
C LEU A 431 3.33 -10.95 2.03
N HIS A 432 2.69 -9.92 1.50
CA HIS A 432 1.65 -9.25 2.29
C HIS A 432 0.60 -10.27 2.77
N LEU A 433 0.07 -11.06 1.84
CA LEU A 433 -0.97 -12.04 2.18
C LEU A 433 -0.44 -13.12 3.13
N ALA A 434 0.82 -13.50 2.98
CA ALA A 434 1.39 -14.48 3.90
C ALA A 434 1.39 -13.90 5.32
N THR A 435 1.75 -12.63 5.46
CA THR A 435 1.78 -12.05 6.79
C THR A 435 0.38 -11.91 7.37
N ALA A 436 -0.63 -11.79 6.51
CA ALA A 436 -2.03 -11.69 7.01
C ALA A 436 -2.47 -13.07 7.53
N LYS A 437 -2.10 -14.11 6.79
CA LYS A 437 -2.47 -15.47 7.21
C LYS A 437 -1.82 -15.74 8.57
N GLU A 438 -0.56 -15.35 8.70
CA GLU A 438 0.18 -15.53 9.95
C GLU A 438 -0.45 -14.72 11.07
N ARG A 439 -0.90 -13.51 10.76
CA ARG A 439 -1.48 -12.68 11.80
C ARG A 439 -2.79 -13.30 12.32
N LEU A 440 -3.60 -13.85 11.43
CA LEU A 440 -4.86 -14.51 11.83
C LEU A 440 -4.47 -15.66 12.77
N GLN A 441 -3.37 -16.36 12.45
CA GLN A 441 -2.89 -17.46 13.31
C GLN A 441 -2.52 -16.91 14.71
N ASP A 442 -1.93 -15.72 14.77
CA ASP A 442 -1.57 -15.13 16.06
C ASP A 442 -2.82 -14.88 16.88
N TYR A 443 -3.91 -14.60 16.17
CA TYR A 443 -5.19 -14.32 16.83
C TYR A 443 -5.95 -15.60 17.15
N GLY A 444 -5.33 -16.74 16.87
CA GLY A 444 -5.95 -18.03 17.18
C GLY A 444 -6.79 -18.69 16.10
N VAL A 445 -6.65 -18.22 14.87
CA VAL A 445 -7.45 -18.76 13.78
C VAL A 445 -6.61 -19.29 12.64
N GLU A 446 -6.88 -20.54 12.26
CA GLU A 446 -6.18 -21.12 11.11
C GLU A 446 -7.04 -20.94 9.87
N VAL A 447 -6.49 -20.25 8.86
CA VAL A 447 -7.23 -20.05 7.61
C VAL A 447 -6.38 -20.53 6.46
N GLU A 448 -7.03 -20.88 5.36
CA GLU A 448 -6.29 -21.33 4.18
C GLU A 448 -6.72 -20.46 3.01
N PHE A 449 -5.78 -20.21 2.10
CA PHE A 449 -6.06 -19.44 0.89
C PHE A 449 -6.16 -20.37 -0.32
N SER A 450 -7.03 -20.04 -1.26
CA SER A 450 -7.12 -20.78 -2.51
C SER A 450 -7.21 -19.78 -3.66
N VAL A 451 -6.98 -20.25 -4.89
CA VAL A 451 -7.08 -19.36 -6.04
C VAL A 451 -8.58 -19.11 -6.21
N PRO A 452 -8.98 -17.84 -6.35
CA PRO A 452 -10.41 -17.55 -6.53
C PRO A 452 -11.01 -18.23 -7.75
N LYS A 453 -12.28 -18.58 -7.64
CA LYS A 453 -13.02 -19.17 -8.75
C LYS A 453 -13.22 -18.09 -9.81
N VAL A 454 -13.19 -18.47 -11.08
CA VAL A 454 -13.37 -17.52 -12.16
C VAL A 454 -14.85 -17.26 -12.37
N PRO A 455 -15.24 -15.99 -12.51
CA PRO A 455 -16.65 -15.66 -12.73
C PRO A 455 -17.08 -15.85 -14.19
N TYR A 456 -17.22 -17.10 -14.61
CA TYR A 456 -17.64 -17.41 -15.95
C TYR A 456 -19.07 -16.91 -16.14
N ARG A 457 -19.46 -16.69 -17.39
CA ARG A 457 -20.80 -16.24 -17.67
C ARG A 457 -21.29 -16.97 -18.90
N GLU A 458 -22.49 -16.65 -19.35
CA GLU A 458 -23.05 -17.30 -20.51
C GLU A 458 -23.77 -16.29 -21.38
N THR A 459 -24.01 -16.66 -22.64
CA THR A 459 -24.75 -15.80 -23.55
C THR A 459 -25.37 -16.68 -24.62
N ILE A 460 -26.03 -16.07 -25.60
CA ILE A 460 -26.67 -16.82 -26.65
C ILE A 460 -26.15 -16.45 -28.05
N LYS A 461 -26.23 -17.40 -28.98
CA LYS A 461 -25.74 -17.17 -30.33
C LYS A 461 -26.82 -17.03 -31.41
N LYS A 462 -28.05 -17.43 -31.09
CA LYS A 462 -29.13 -17.30 -32.06
C LYS A 462 -30.44 -16.87 -31.43
N VAL A 463 -31.31 -16.31 -32.26
CA VAL A 463 -32.61 -15.83 -31.80
C VAL A 463 -33.52 -17.01 -31.52
N ALA A 464 -34.38 -16.84 -30.52
CA ALA A 464 -35.35 -17.87 -30.18
C ALA A 464 -36.50 -17.21 -29.44
N GLU A 465 -37.65 -17.86 -29.44
CA GLU A 465 -38.80 -17.31 -28.75
C GLU A 465 -39.72 -18.43 -28.29
N GLY A 466 -40.51 -18.13 -27.28
CA GLY A 466 -41.40 -19.12 -26.74
C GLY A 466 -42.20 -18.62 -25.58
N GLN A 467 -42.95 -19.54 -25.00
CA GLN A 467 -43.86 -19.20 -23.93
C GLN A 467 -43.51 -19.70 -22.55
N GLY A 468 -43.84 -18.87 -21.58
CA GLY A 468 -43.64 -19.18 -20.19
C GLY A 468 -45.01 -19.02 -19.56
N LYS A 469 -45.53 -20.09 -18.97
CA LYS A 469 -46.83 -19.95 -18.37
C LYS A 469 -46.95 -20.64 -17.01
N TYR A 470 -47.61 -19.95 -16.08
CA TYR A 470 -47.80 -20.47 -14.73
C TYR A 470 -49.26 -20.35 -14.30
N LYS A 471 -49.90 -21.47 -14.00
CA LYS A 471 -51.29 -21.44 -13.54
C LYS A 471 -51.57 -22.55 -12.52
N LYS A 472 -51.88 -22.14 -11.29
CA LYS A 472 -52.17 -23.06 -10.20
C LYS A 472 -53.10 -22.39 -9.19
N GLN A 473 -53.76 -23.18 -8.36
CA GLN A 473 -54.67 -22.63 -7.36
C GLN A 473 -54.33 -23.19 -5.98
N THR A 474 -54.11 -22.28 -5.03
CA THR A 474 -53.76 -22.68 -3.66
C THR A 474 -54.81 -22.18 -2.67
N GLY A 475 -55.66 -23.11 -2.23
CA GLY A 475 -56.71 -22.75 -1.29
C GLY A 475 -57.91 -22.17 -2.03
N GLY A 476 -58.19 -20.90 -1.76
CA GLY A 476 -59.31 -20.25 -2.43
C GLY A 476 -58.84 -19.19 -3.39
N HIS A 477 -57.54 -19.18 -3.68
CA HIS A 477 -56.97 -18.20 -4.58
C HIS A 477 -55.96 -18.84 -5.54
N GLY A 478 -56.11 -18.55 -6.82
CA GLY A 478 -55.22 -19.12 -7.82
C GLY A 478 -54.15 -18.18 -8.35
N GLN A 479 -53.35 -18.69 -9.29
CA GLN A 479 -52.28 -17.92 -9.91
C GLN A 479 -52.32 -18.04 -11.41
N TYR A 480 -52.01 -16.95 -12.11
CA TYR A 480 -51.98 -17.01 -13.57
C TYR A 480 -51.04 -15.98 -14.17
N GLY A 481 -50.07 -16.48 -14.94
CA GLY A 481 -49.12 -15.63 -15.64
C GLY A 481 -48.87 -16.27 -17.00
N ASP A 482 -48.87 -15.46 -18.06
CA ASP A 482 -48.68 -15.98 -19.41
C ASP A 482 -47.82 -14.96 -20.15
N VAL A 483 -46.60 -15.36 -20.48
CA VAL A 483 -45.64 -14.49 -21.13
C VAL A 483 -45.02 -15.09 -22.37
N TRP A 484 -45.00 -14.35 -23.46
CA TRP A 484 -44.32 -14.80 -24.65
C TRP A 484 -43.06 -13.94 -24.72
N LEU A 485 -41.92 -14.62 -24.75
CA LEU A 485 -40.60 -14.00 -24.73
C LEU A 485 -39.71 -14.35 -25.92
N ARG A 486 -39.08 -13.33 -26.50
CA ARG A 486 -38.14 -13.54 -27.60
C ARG A 486 -36.79 -13.07 -27.06
N LEU A 487 -35.75 -13.89 -27.24
CA LEU A 487 -34.39 -13.55 -26.81
C LEU A 487 -33.52 -13.38 -28.04
N GLU A 488 -32.73 -12.33 -28.08
CA GLU A 488 -31.87 -12.10 -29.23
C GLU A 488 -30.47 -11.78 -28.75
N PRO A 489 -29.45 -12.33 -29.44
CA PRO A 489 -28.08 -12.04 -29.02
C PRO A 489 -27.92 -10.53 -29.10
N ALA A 490 -27.18 -9.93 -28.16
CA ALA A 490 -26.98 -8.49 -28.17
C ALA A 490 -25.67 -8.16 -27.45
N SER A 491 -25.10 -7.00 -27.73
CA SER A 491 -23.83 -6.63 -27.09
C SER A 491 -24.05 -6.28 -25.63
N GLU A 492 -25.24 -5.78 -25.31
CA GLU A 492 -25.57 -5.39 -23.95
C GLU A 492 -27.00 -5.77 -23.63
N TYR A 493 -27.30 -5.92 -22.35
CA TYR A 493 -28.64 -6.28 -21.92
C TYR A 493 -29.66 -5.21 -22.28
N GLY A 494 -30.84 -5.67 -22.65
CA GLY A 494 -31.92 -4.77 -22.99
C GLY A 494 -33.24 -5.48 -22.78
N PHE A 495 -34.23 -4.75 -22.28
CA PHE A 495 -35.56 -5.31 -22.08
C PHE A 495 -36.51 -4.45 -22.89
N GLU A 496 -37.31 -5.09 -23.73
CA GLU A 496 -38.27 -4.37 -24.56
C GLU A 496 -39.70 -4.80 -24.30
N TRP A 497 -40.56 -3.86 -23.96
CA TRP A 497 -41.98 -4.16 -23.77
C TRP A 497 -42.63 -3.94 -25.13
N ARG A 498 -43.11 -5.02 -25.74
CA ARG A 498 -43.76 -4.90 -27.05
C ARG A 498 -45.16 -5.48 -26.98
N ILE A 499 -45.76 -5.42 -25.80
CA ILE A 499 -47.12 -5.92 -25.61
C ILE A 499 -48.08 -4.98 -26.32
N THR A 500 -49.03 -5.55 -27.05
CA THR A 500 -50.03 -4.77 -27.76
C THR A 500 -51.45 -5.15 -27.33
N GLY A 501 -52.39 -4.27 -27.59
CA GLY A 501 -53.79 -4.54 -27.28
C GLY A 501 -54.08 -4.66 -25.79
N GLY A 502 -53.11 -4.27 -24.97
CA GLY A 502 -53.29 -4.37 -23.52
C GLY A 502 -53.49 -5.79 -23.03
N VAL A 503 -52.98 -6.78 -23.76
CA VAL A 503 -53.14 -8.18 -23.36
C VAL A 503 -52.48 -8.48 -22.02
N ILE A 504 -51.48 -7.69 -21.66
CA ILE A 504 -50.86 -7.78 -20.32
C ILE A 504 -50.82 -6.32 -19.89
N PRO A 505 -51.38 -6.00 -18.71
CA PRO A 505 -51.36 -4.61 -18.25
C PRO A 505 -49.94 -4.15 -17.97
N SER A 506 -49.69 -2.86 -18.17
CA SER A 506 -48.38 -2.29 -17.96
C SER A 506 -47.89 -2.45 -16.52
N LYS A 507 -48.82 -2.60 -15.59
CA LYS A 507 -48.43 -2.75 -14.19
C LYS A 507 -47.64 -4.03 -13.93
N TYR A 508 -47.63 -4.97 -14.87
CA TYR A 508 -46.87 -6.20 -14.66
C TYR A 508 -45.51 -6.16 -15.35
N GLN A 509 -45.19 -5.05 -16.02
CA GLN A 509 -43.91 -4.97 -16.72
C GLN A 509 -42.72 -5.14 -15.77
N GLU A 510 -42.77 -4.48 -14.62
CA GLU A 510 -41.68 -4.58 -13.65
C GLU A 510 -41.49 -6.02 -13.17
N ALA A 511 -42.59 -6.72 -12.86
CA ALA A 511 -42.49 -8.10 -12.39
C ALA A 511 -41.95 -9.03 -13.46
N ILE A 512 -42.33 -8.78 -14.71
CA ILE A 512 -41.86 -9.61 -15.80
C ILE A 512 -40.36 -9.41 -15.96
N GLU A 513 -39.91 -8.16 -16.00
CA GLU A 513 -38.47 -7.94 -16.13
C GLU A 513 -37.72 -8.56 -14.97
N GLU A 514 -38.28 -8.46 -13.77
CA GLU A 514 -37.66 -9.05 -12.57
C GLU A 514 -37.44 -10.54 -12.76
N GLY A 515 -38.47 -11.24 -13.25
CA GLY A 515 -38.38 -12.67 -13.47
C GLY A 515 -37.33 -13.06 -14.48
N ILE A 516 -37.18 -12.25 -15.53
CA ILE A 516 -36.17 -12.53 -16.54
C ILE A 516 -34.80 -12.31 -15.93
N LYS A 517 -34.63 -11.21 -15.20
CA LYS A 517 -33.34 -10.94 -14.59
C LYS A 517 -32.96 -12.03 -13.59
N GLU A 518 -33.95 -12.51 -12.84
CA GLU A 518 -33.68 -13.57 -11.85
C GLU A 518 -33.25 -14.87 -12.51
N ALA A 519 -33.90 -15.26 -13.60
CA ALA A 519 -33.55 -16.50 -14.27
C ALA A 519 -32.22 -16.35 -14.97
N ALA A 520 -31.88 -15.12 -15.34
CA ALA A 520 -30.62 -14.89 -16.03
C ALA A 520 -29.42 -15.06 -15.11
N LYS A 521 -29.67 -15.09 -13.80
CA LYS A 521 -28.59 -15.27 -12.84
C LYS A 521 -27.96 -16.65 -12.96
N LYS A 522 -28.74 -17.61 -13.46
CA LYS A 522 -28.26 -18.97 -13.64
C LYS A 522 -28.56 -19.52 -15.04
N GLY A 523 -27.59 -19.40 -15.93
CA GLY A 523 -27.75 -19.87 -17.29
C GLY A 523 -27.96 -21.37 -17.45
N VAL A 524 -28.57 -21.75 -18.57
CA VAL A 524 -28.85 -23.16 -18.85
C VAL A 524 -27.64 -23.99 -19.25
N LEU A 525 -26.57 -23.35 -19.71
CA LEU A 525 -25.39 -24.10 -20.15
C LEU A 525 -24.62 -24.72 -19.00
N ALA A 526 -24.28 -23.91 -18.00
CA ALA A 526 -23.52 -24.39 -16.87
C ALA A 526 -23.85 -23.65 -15.59
N GLY A 527 -25.01 -22.99 -15.56
CA GLY A 527 -25.43 -22.28 -14.37
C GLY A 527 -24.77 -20.95 -14.00
N PHE A 528 -24.07 -20.32 -14.94
CA PHE A 528 -23.42 -19.03 -14.67
C PHE A 528 -24.33 -17.87 -15.10
N PRO A 529 -24.09 -16.65 -14.59
CA PRO A 529 -24.92 -15.50 -14.97
C PRO A 529 -24.94 -15.33 -16.47
N VAL A 530 -26.11 -14.99 -17.03
CA VAL A 530 -26.25 -14.81 -18.47
C VAL A 530 -26.23 -13.34 -18.85
N MET A 531 -25.55 -13.04 -19.95
CA MET A 531 -25.43 -11.68 -20.44
C MET A 531 -25.51 -11.65 -21.97
N GLY A 532 -25.41 -10.46 -22.52
CA GLY A 532 -25.43 -10.30 -23.96
C GLY A 532 -26.71 -10.72 -24.67
N PHE A 533 -27.86 -10.31 -24.13
CA PHE A 533 -29.13 -10.64 -24.78
C PHE A 533 -30.14 -9.53 -24.61
N LYS A 534 -31.05 -9.45 -25.57
CA LYS A 534 -32.14 -8.50 -25.54
C LYS A 534 -33.35 -9.38 -25.28
N ALA A 535 -34.17 -8.99 -24.31
CA ALA A 535 -35.37 -9.74 -23.98
C ALA A 535 -36.57 -8.91 -24.42
N ILE A 536 -37.38 -9.48 -25.29
CA ILE A 536 -38.56 -8.83 -25.84
C ILE A 536 -39.82 -9.58 -25.39
N VAL A 537 -40.71 -8.89 -24.66
CA VAL A 537 -41.96 -9.50 -24.24
C VAL A 537 -42.97 -8.99 -25.25
N TYR A 538 -43.49 -9.91 -26.06
CA TYR A 538 -44.33 -9.53 -27.19
C TYR A 538 -45.77 -10.01 -27.22
N ASN A 539 -46.14 -10.88 -26.29
CA ASN A 539 -47.52 -11.37 -26.25
C ASN A 539 -47.70 -11.99 -24.87
N GLY A 540 -48.93 -12.36 -24.55
CA GLY A 540 -49.19 -12.97 -23.27
C GLY A 540 -50.65 -12.75 -22.94
N SER A 541 -51.03 -13.01 -21.70
CA SER A 541 -52.42 -12.80 -21.31
C SER A 541 -52.48 -12.78 -19.80
N TYR A 542 -53.60 -12.30 -19.27
CA TYR A 542 -53.77 -12.24 -17.82
C TYR A 542 -55.23 -12.40 -17.46
N HIS A 543 -55.49 -12.65 -16.19
CA HIS A 543 -56.86 -12.76 -15.71
C HIS A 543 -56.93 -11.84 -14.51
N GLU A 544 -57.90 -10.94 -14.56
CA GLU A 544 -58.13 -9.96 -13.52
C GLU A 544 -58.08 -10.55 -12.12
N VAL A 545 -58.64 -11.74 -11.98
CA VAL A 545 -58.68 -12.42 -10.69
C VAL A 545 -57.37 -13.06 -10.21
N ASP A 546 -56.94 -14.10 -10.91
CA ASP A 546 -55.75 -14.86 -10.54
C ASP A 546 -54.37 -14.33 -10.87
N SER A 547 -54.26 -13.29 -11.68
CA SER A 547 -52.94 -12.76 -12.03
C SER A 547 -52.28 -11.94 -10.92
N SER A 548 -50.96 -12.05 -10.83
CA SER A 548 -50.20 -11.33 -9.79
C SER A 548 -48.77 -11.13 -10.25
N ASP A 549 -47.98 -10.41 -9.44
CA ASP A 549 -46.59 -10.19 -9.77
C ASP A 549 -45.83 -11.52 -9.69
N LEU A 550 -46.13 -12.32 -8.67
CA LEU A 550 -45.46 -13.61 -8.51
C LEU A 550 -45.73 -14.52 -9.71
N ALA A 551 -46.99 -14.59 -10.13
CA ALA A 551 -47.36 -15.44 -11.26
C ALA A 551 -46.61 -14.97 -12.51
N PHE A 552 -46.49 -13.67 -12.67
CA PHE A 552 -45.78 -13.15 -13.84
C PHE A 552 -44.26 -13.28 -13.71
N GLN A 553 -43.72 -13.21 -12.50
CA GLN A 553 -42.27 -13.37 -12.32
C GLN A 553 -41.92 -14.81 -12.68
N ILE A 554 -42.74 -15.75 -12.21
CA ILE A 554 -42.51 -17.14 -12.51
C ILE A 554 -42.68 -17.44 -14.01
N ALA A 555 -43.77 -16.95 -14.59
CA ALA A 555 -44.00 -17.19 -16.01
C ALA A 555 -42.83 -16.63 -16.82
N ALA A 556 -42.35 -15.46 -16.44
CA ALA A 556 -41.23 -14.83 -17.14
C ALA A 556 -39.95 -15.67 -16.97
N SER A 557 -39.72 -16.18 -15.77
CA SER A 557 -38.54 -17.01 -15.51
C SER A 557 -38.60 -18.29 -16.33
N LEU A 558 -39.78 -18.93 -16.34
CA LEU A 558 -39.99 -20.15 -17.11
C LEU A 558 -39.74 -19.88 -18.57
N ALA A 559 -40.21 -18.73 -19.05
CA ALA A 559 -40.02 -18.36 -20.44
C ALA A 559 -38.52 -18.20 -20.71
N PHE A 560 -37.81 -17.52 -19.82
CA PHE A 560 -36.39 -17.33 -20.04
C PHE A 560 -35.64 -18.67 -20.13
N LYS A 561 -35.89 -19.57 -19.18
CA LYS A 561 -35.21 -20.87 -19.19
C LYS A 561 -35.47 -21.65 -20.47
N LYS A 562 -36.74 -21.72 -20.89
CA LYS A 562 -37.10 -22.44 -22.10
C LYS A 562 -36.46 -21.84 -23.34
N VAL A 563 -36.59 -20.51 -23.48
CA VAL A 563 -36.06 -19.86 -24.67
C VAL A 563 -34.54 -19.86 -24.76
N MET A 564 -33.85 -19.61 -23.66
CA MET A 564 -32.39 -19.59 -23.73
C MET A 564 -31.83 -20.91 -24.24
N ALA A 565 -32.48 -22.01 -23.88
CA ALA A 565 -32.02 -23.34 -24.31
C ALA A 565 -32.14 -23.54 -25.83
N GLU A 566 -33.02 -22.78 -26.46
CA GLU A 566 -33.20 -22.88 -27.92
C GLU A 566 -32.38 -21.82 -28.61
N ALA A 567 -31.68 -21.00 -27.82
CA ALA A 567 -30.90 -19.91 -28.39
C ALA A 567 -29.40 -20.15 -28.54
N HIS A 568 -29.00 -21.42 -28.60
CA HIS A 568 -27.61 -21.80 -28.75
C HIS A 568 -26.69 -21.07 -27.75
N PRO A 569 -26.81 -21.43 -26.47
CA PRO A 569 -26.02 -20.84 -25.39
C PRO A 569 -24.54 -21.23 -25.49
N VAL A 570 -23.66 -20.33 -25.08
CA VAL A 570 -22.23 -20.57 -25.10
C VAL A 570 -21.57 -19.99 -23.85
N LEU A 571 -20.44 -20.60 -23.46
CA LEU A 571 -19.70 -20.18 -22.27
C LEU A 571 -18.77 -19.01 -22.54
N LEU A 572 -18.72 -18.07 -21.61
CA LEU A 572 -17.87 -16.89 -21.73
C LEU A 572 -16.92 -16.85 -20.53
N GLU A 573 -15.75 -16.27 -20.72
CA GLU A 573 -14.78 -16.15 -19.63
C GLU A 573 -14.22 -14.75 -19.63
N PRO A 574 -13.79 -14.26 -18.45
CA PRO A 574 -13.25 -12.90 -18.47
C PRO A 574 -11.84 -12.83 -19.05
N ILE A 575 -11.61 -11.81 -19.87
CA ILE A 575 -10.33 -11.56 -20.51
C ILE A 575 -9.75 -10.29 -19.88
N TYR A 576 -8.47 -10.32 -19.54
CA TYR A 576 -7.83 -9.17 -18.92
C TYR A 576 -6.70 -8.60 -19.77
N ARG A 577 -6.43 -7.32 -19.59
CA ARG A 577 -5.30 -6.69 -20.27
C ARG A 577 -4.12 -6.85 -19.32
N LEU A 578 -3.04 -7.45 -19.81
CA LEU A 578 -1.87 -7.71 -18.99
C LEU A 578 -0.64 -6.97 -19.49
N LYS A 579 -0.08 -6.13 -18.63
CA LYS A 579 1.12 -5.36 -18.97
C LYS A 579 2.26 -5.95 -18.16
N VAL A 580 3.35 -6.32 -18.84
CA VAL A 580 4.49 -6.89 -18.14
C VAL A 580 5.79 -6.15 -18.48
N LEU A 581 6.48 -5.70 -17.44
CA LEU A 581 7.75 -5.00 -17.60
C LEU A 581 8.82 -6.03 -17.24
N ALA A 582 9.73 -6.30 -18.17
CA ALA A 582 10.76 -7.30 -17.91
C ALA A 582 12.07 -7.02 -18.63
N PRO A 583 13.18 -7.51 -18.04
CA PRO A 583 14.51 -7.32 -18.62
C PRO A 583 14.49 -7.84 -20.05
N GLN A 584 15.29 -7.23 -20.92
CA GLN A 584 15.33 -7.66 -22.31
C GLN A 584 15.72 -9.12 -22.47
N GLU A 585 16.71 -9.58 -21.72
CA GLU A 585 17.15 -10.97 -21.82
C GLU A 585 16.11 -11.94 -21.24
N ARG A 586 15.16 -11.41 -20.48
CA ARG A 586 14.10 -12.24 -19.88
C ARG A 586 12.79 -12.20 -20.67
N VAL A 587 12.72 -11.32 -21.66
CA VAL A 587 11.51 -11.19 -22.48
C VAL A 587 11.08 -12.51 -23.11
N GLY A 588 12.04 -13.27 -23.62
CA GLY A 588 11.72 -14.54 -24.25
C GLY A 588 10.97 -15.51 -23.35
N ASP A 589 11.38 -15.58 -22.08
CA ASP A 589 10.73 -16.47 -21.13
C ASP A 589 9.33 -15.97 -20.81
N VAL A 590 9.21 -14.65 -20.70
CA VAL A 590 7.92 -14.02 -20.42
C VAL A 590 6.94 -14.36 -21.54
N LEU A 591 7.33 -14.06 -22.78
CA LEU A 591 6.47 -14.35 -23.93
C LEU A 591 6.20 -15.84 -24.00
N SER A 592 7.26 -16.65 -23.90
CA SER A 592 7.11 -18.10 -23.95
C SER A 592 6.03 -18.56 -22.97
N ASP A 593 6.12 -18.05 -21.75
CA ASP A 593 5.16 -18.39 -20.69
C ASP A 593 3.77 -17.81 -20.98
N LEU A 594 3.70 -16.58 -21.49
CA LEU A 594 2.42 -15.98 -21.80
C LEU A 594 1.70 -16.84 -22.84
N GLN A 595 2.46 -17.25 -23.85
CA GLN A 595 1.92 -18.11 -24.91
C GLN A 595 1.25 -19.34 -24.32
N ALA A 596 1.83 -19.88 -23.24
CA ALA A 596 1.27 -21.06 -22.60
C ALA A 596 0.04 -20.71 -21.76
N ARG A 597 -0.16 -19.43 -21.51
CA ARG A 597 -1.32 -18.97 -20.73
C ARG A 597 -2.41 -18.47 -21.68
N ARG A 598 -2.32 -18.86 -22.94
CA ARG A 598 -3.28 -18.46 -23.96
C ARG A 598 -3.28 -16.95 -24.14
N GLY A 599 -2.13 -16.34 -23.91
CA GLY A 599 -2.04 -14.90 -24.05
C GLY A 599 -1.90 -14.42 -25.48
N ARG A 600 -2.36 -13.21 -25.73
CA ARG A 600 -2.27 -12.61 -27.05
C ARG A 600 -1.45 -11.34 -26.92
N ILE A 601 -0.26 -11.37 -27.49
CA ILE A 601 0.63 -10.22 -27.42
C ILE A 601 0.05 -9.13 -28.31
N LEU A 602 -0.15 -7.95 -27.75
CA LEU A 602 -0.70 -6.81 -28.47
C LEU A 602 0.43 -5.94 -29.01
N GLY A 603 1.58 -6.01 -28.37
CA GLY A 603 2.71 -5.21 -28.80
C GLY A 603 3.72 -5.07 -27.69
N MET A 604 4.86 -4.45 -28.00
CA MET A 604 5.90 -4.26 -27.01
C MET A 604 6.58 -2.89 -27.11
N GLU A 605 7.03 -2.39 -25.97
CA GLU A 605 7.72 -1.10 -25.91
C GLU A 605 9.03 -1.28 -25.15
N GLN A 606 9.95 -0.35 -25.34
CA GLN A 606 11.24 -0.43 -24.65
C GLN A 606 11.47 0.72 -23.67
N GLU A 607 11.99 0.36 -22.50
CA GLU A 607 12.30 1.33 -21.44
C GLU A 607 13.71 0.96 -20.95
N GLY A 608 14.71 1.36 -21.73
CA GLY A 608 16.07 1.03 -21.38
C GLY A 608 16.28 -0.41 -21.80
N ALA A 609 17.00 -1.19 -21.02
CA ALA A 609 17.21 -2.59 -21.35
C ALA A 609 15.96 -3.37 -21.00
N LEU A 610 14.96 -2.64 -20.49
CA LEU A 610 13.69 -3.23 -20.12
C LEU A 610 12.72 -3.04 -21.27
N SER A 611 11.68 -3.88 -21.32
CA SER A 611 10.68 -3.77 -22.37
C SER A 611 9.31 -4.00 -21.75
N VAL A 612 8.30 -3.29 -22.26
CA VAL A 612 6.94 -3.43 -21.76
C VAL A 612 6.15 -4.29 -22.73
N VAL A 613 5.63 -5.42 -22.24
CA VAL A 613 4.85 -6.32 -23.07
C VAL A 613 3.36 -6.14 -22.77
N HIS A 614 2.59 -5.82 -23.81
CA HIS A 614 1.15 -5.62 -23.68
C HIS A 614 0.45 -6.86 -24.23
N ALA A 615 -0.46 -7.43 -23.44
CA ALA A 615 -1.17 -8.61 -23.89
C ALA A 615 -2.57 -8.70 -23.31
N GLU A 616 -3.34 -9.63 -23.84
CA GLU A 616 -4.68 -9.91 -23.37
C GLU A 616 -4.59 -11.38 -23.02
N VAL A 617 -5.13 -11.76 -21.88
CA VAL A 617 -5.05 -13.14 -21.43
C VAL A 617 -6.26 -13.48 -20.59
N PRO A 618 -6.72 -14.74 -20.63
CA PRO A 618 -7.87 -15.15 -19.85
C PRO A 618 -7.53 -15.03 -18.36
N LEU A 619 -8.43 -14.46 -17.57
CA LEU A 619 -8.19 -14.31 -16.15
C LEU A 619 -7.83 -15.67 -15.54
N ALA A 620 -8.47 -16.72 -16.06
CA ALA A 620 -8.27 -18.08 -15.57
C ALA A 620 -6.84 -18.57 -15.74
N GLU A 621 -6.07 -17.90 -16.57
CA GLU A 621 -4.69 -18.31 -16.83
C GLU A 621 -3.67 -17.49 -16.07
N VAL A 622 -4.13 -16.47 -15.34
CA VAL A 622 -3.23 -15.58 -14.61
C VAL A 622 -3.61 -15.24 -13.17
N LEU A 623 -4.42 -16.07 -12.52
CA LEU A 623 -4.82 -15.76 -11.15
C LEU A 623 -3.64 -15.81 -10.19
N GLU A 624 -2.58 -16.52 -10.57
CA GLU A 624 -1.40 -16.57 -9.72
C GLU A 624 -0.18 -16.10 -10.48
N TYR A 625 -0.39 -15.22 -11.45
CA TYR A 625 0.72 -14.70 -12.23
C TYR A 625 1.69 -14.01 -11.25
N TYR A 626 1.14 -13.40 -10.19
CA TYR A 626 1.99 -12.71 -9.22
C TYR A 626 3.02 -13.63 -8.58
N LYS A 627 2.73 -14.93 -8.53
CA LYS A 627 3.68 -15.88 -7.94
C LYS A 627 4.75 -16.32 -8.91
N ALA A 628 4.42 -16.33 -10.19
CA ALA A 628 5.36 -16.77 -11.22
C ALA A 628 6.24 -15.69 -11.83
N LEU A 629 5.77 -14.45 -11.82
CA LEU A 629 6.54 -13.37 -12.44
C LEU A 629 7.99 -13.25 -11.98
N PRO A 630 8.24 -13.32 -10.66
CA PRO A 630 9.62 -13.20 -10.18
C PRO A 630 10.58 -14.18 -10.87
N GLY A 631 10.23 -15.47 -10.84
CA GLY A 631 11.07 -16.47 -11.46
C GLY A 631 11.29 -16.25 -12.95
N LEU A 632 10.31 -15.67 -13.62
CA LEU A 632 10.38 -15.41 -15.05
C LEU A 632 11.20 -14.17 -15.39
N THR A 633 11.34 -13.27 -14.43
CA THR A 633 12.09 -12.04 -14.66
C THR A 633 13.26 -11.83 -13.69
N GLY A 634 13.72 -12.92 -13.09
CA GLY A 634 14.82 -12.81 -12.15
C GLY A 634 14.54 -11.83 -11.03
N GLY A 635 13.26 -11.64 -10.72
CA GLY A 635 12.87 -10.73 -9.66
C GLY A 635 12.85 -9.27 -10.06
N ALA A 636 13.07 -8.99 -11.34
CA ALA A 636 13.09 -7.61 -11.84
C ALA A 636 11.77 -7.19 -12.49
N GLY A 637 10.91 -8.16 -12.77
CA GLY A 637 9.65 -7.85 -13.41
C GLY A 637 8.55 -7.25 -12.54
N ALA A 638 7.60 -6.60 -13.21
CA ALA A 638 6.45 -5.99 -12.57
C ALA A 638 5.29 -6.22 -13.55
N TYR A 639 4.06 -6.12 -13.08
CA TYR A 639 2.92 -6.35 -13.96
C TYR A 639 1.66 -5.68 -13.46
N THR A 640 0.69 -5.53 -14.36
CA THR A 640 -0.62 -4.98 -14.00
C THR A 640 -1.64 -5.78 -14.79
N LEU A 641 -2.75 -6.12 -14.13
CA LEU A 641 -3.84 -6.86 -14.76
C LEU A 641 -5.10 -6.03 -14.60
N GLU A 642 -5.86 -5.89 -15.68
CA GLU A 642 -7.10 -5.13 -15.63
C GLU A 642 -8.14 -5.80 -16.52
N PHE A 643 -9.38 -5.85 -16.03
CA PHE A 643 -10.48 -6.46 -16.79
C PHE A 643 -10.66 -5.78 -18.13
N SER A 644 -10.84 -6.60 -19.16
CA SER A 644 -11.02 -6.09 -20.51
C SER A 644 -12.45 -6.36 -21.02
N HIS A 645 -12.79 -7.64 -21.15
CA HIS A 645 -14.11 -8.00 -21.66
C HIS A 645 -14.28 -9.50 -21.51
N TYR A 646 -15.49 -9.98 -21.80
CA TYR A 646 -15.77 -11.40 -21.75
C TYR A 646 -15.65 -11.93 -23.17
N ALA A 647 -15.19 -13.17 -23.31
CA ALA A 647 -15.04 -13.77 -24.63
C ALA A 647 -15.45 -15.22 -24.52
N GLU A 648 -15.87 -15.79 -25.64
CA GLU A 648 -16.28 -17.18 -25.64
C GLU A 648 -15.09 -18.07 -25.30
N VAL A 649 -15.34 -19.07 -24.46
CA VAL A 649 -14.31 -20.01 -24.05
C VAL A 649 -14.07 -21.02 -25.16
N PRO A 650 -12.79 -21.25 -25.53
CA PRO A 650 -12.53 -22.22 -26.60
C PRO A 650 -13.33 -23.50 -26.36
N PRO A 651 -13.93 -24.05 -27.43
CA PRO A 651 -14.74 -25.27 -27.38
C PRO A 651 -14.20 -26.38 -26.48
N HIS A 652 -12.90 -26.61 -26.56
CA HIS A 652 -12.25 -27.64 -25.78
C HIS A 652 -12.41 -27.40 -24.29
N LEU A 653 -11.94 -26.24 -23.81
CA LEU A 653 -12.04 -25.88 -22.41
C LEU A 653 -13.50 -25.82 -21.97
N ALA A 654 -14.30 -25.07 -22.72
CA ALA A 654 -15.71 -24.90 -22.41
C ALA A 654 -16.37 -26.21 -22.02
N GLN A 655 -16.21 -27.22 -22.88
CA GLN A 655 -16.80 -28.52 -22.61
C GLN A 655 -16.39 -29.07 -21.25
N ARG A 656 -15.09 -29.06 -20.97
CA ARG A 656 -14.61 -29.55 -19.69
C ARG A 656 -15.18 -28.75 -18.54
N ILE A 657 -15.23 -27.43 -18.68
CA ILE A 657 -15.80 -26.59 -17.63
C ILE A 657 -17.28 -26.91 -17.48
N VAL A 658 -17.98 -27.00 -18.61
CA VAL A 658 -19.40 -27.29 -18.58
C VAL A 658 -19.61 -28.64 -17.90
N GLN A 659 -18.77 -29.62 -18.26
CA GLN A 659 -18.85 -30.94 -17.66
C GLN A 659 -18.60 -30.89 -16.15
N GLU A 660 -17.55 -30.18 -15.73
CA GLU A 660 -17.24 -30.07 -14.31
C GLU A 660 -18.46 -29.60 -13.52
N ARG A 661 -19.02 -28.47 -13.95
CA ARG A 661 -20.19 -27.92 -13.28
C ARG A 661 -21.36 -28.89 -13.22
N ALA A 662 -21.57 -29.61 -14.30
CA ALA A 662 -22.66 -30.58 -14.39
C ALA A 662 -22.42 -31.76 -13.44
N GLN A 663 -21.24 -32.38 -13.58
CA GLN A 663 -20.85 -33.53 -12.77
C GLN A 663 -21.10 -33.38 -11.27
N GLU A 664 -20.86 -32.20 -10.73
CA GLU A 664 -21.06 -31.96 -9.30
C GLU A 664 -22.26 -31.07 -9.03
N GLY A 665 -22.02 -29.92 -8.41
CA GLY A 665 -23.11 -29.01 -8.11
C GLY A 665 -24.18 -29.66 -7.26
MG MG B . 13.46 -2.90 8.91
PG GTP C . 13.52 -3.89 5.77
O1G GTP C . 13.23 -5.43 5.38
O2G GTP C . 12.81 -3.56 7.17
O3G GTP C . 13.13 -2.95 4.70
O3B GTP C . 15.11 -3.90 6.02
PB GTP C . 15.92 -2.76 6.79
O1B GTP C . 16.11 -1.61 5.86
O2B GTP C . 15.29 -2.48 8.10
O3A GTP C . 17.37 -3.43 6.93
PA GTP C . 17.86 -4.24 8.23
O1A GTP C . 18.22 -3.28 9.29
O2A GTP C . 16.87 -5.30 8.53
O5' GTP C . 19.23 -4.92 7.72
C5' GTP C . 19.14 -6.02 6.80
C4' GTP C . 20.49 -6.74 6.74
O4' GTP C . 21.48 -5.74 6.45
C3' GTP C . 20.84 -7.31 8.12
O3' GTP C . 21.64 -8.49 7.95
C2' GTP C . 21.68 -6.20 8.74
O2' GTP C . 22.60 -6.76 9.67
C1' GTP C . 22.46 -5.76 7.50
N9 GTP C . 23.05 -4.42 7.63
C8 GTP C . 22.41 -3.30 7.96
N7 GTP C . 23.23 -2.26 7.84
C5 GTP C . 24.42 -2.71 7.45
C6 GTP C . 25.64 -2.11 7.17
O6 GTP C . 25.79 -0.89 7.23
N1 GTP C . 26.72 -2.92 6.79
C2 GTP C . 26.55 -4.30 6.68
N2 GTP C . 27.57 -5.07 6.31
N3 GTP C . 25.36 -4.85 6.95
C4 GTP C . 24.32 -4.10 7.32
#